data_3SDD
#
_entry.id   3SDD
#
_cell.length_a   94.469
_cell.length_b   94.469
_cell.length_c   291.063
_cell.angle_alpha   90.00
_cell.angle_beta   90.00
_cell.angle_gamma   90.00
#
_symmetry.space_group_name_H-M   'P 41 21 2'
#
loop_
_entity.id
_entity.type
_entity.pdbx_description
1 polymer 'Antigen-presenting glycoprotein CD1d1'
2 polymer Beta-2-microglobulin
3 polymer 'NKT TCR Valpha14 chain'
4 polymer 'NKT TCR autoreactive-Vbeta6 chain'
5 branched 2-acetamido-2-deoxy-beta-D-glucopyranose-(1-4)-2-acetamido-2-deoxy-beta-D-glucopyranose
6 non-polymer 2-acetamido-2-deoxy-beta-D-glucopyranose
7 non-polymer N-[(2S,3R,4E)-1-{[4-O-(beta-D-galactopyranosyl)-beta-D-glucopyranosyl]oxy}-3-hydroxyoctadec-4-en-2-yl]docosanamide
8 water water
#
loop_
_entity_poly.entity_id
_entity_poly.type
_entity_poly.pdbx_seq_one_letter_code
_entity_poly.pdbx_strand_id
1 'polypeptide(L)'
;SEAQQKNYTFRCLQMSSFANRSWSRTDSVVWLGDLQTHRWSNDSATISFTKPWSQGKLSNQQWEKLQHMFQVYRVSFTRD
IQELVKMMSPKEDYPIEIQLSAGCEMYPGNASESFLHVAFQGKYVVRFWGTSWQTVPGAPSWLDLPIKVLNADQGTSATV
QMLLNDTCPLFVRGLLEAGKSDLEKQEKPVAWLSSVPSSAHGHRQLVCHVSGFYPKPVWVMWMRGDQEQQGTHRGDFLPN
ADETWYLQATLDVEAGEEAGLACRVKHSSLGGQDIILYWGSLHHILDAQKMVWNHRHHHHHH
;
A
2 'polypeptide(L)'
;IQKTPQIQVYSRHPPENGKPNILNCYVTQFHPPHIEIQMLKNGKKIPKVEMSDMSFSKDWSFYILAHTEFTPTETDTYAC
RVKHASMAEPKTVYWDRDM
;
B
3 'polypeptide(L)'
;TQVEQSPQSLVVRQGENSVLQCNYSVTPDNHLRWFKQDTGKGLVSLTVLVDQKDKTSNGRYSATLDKDAKHSTLHITATL
LDDTATYICVVGDRGSALGRLHFGAGTQLIVIPDIQNPDPAVYQLRDSKSSDKSVCLFTDFDSQTNVSQSKDSDVYITDK
CVLDMRSMDFKSNSAVAWSNKSDFACANAFNNSIIPEDTFFPSPESS
;
C
4 'polypeptide(L)'
;HMGGIITQTPKFLIGQEGQKLTLKCQQNFNHDTMYWYRQDSGKGLRLIYYSYGAGSTEKGDLSEGYDASREKKSSFSLTV
TSAQKNEMAVFLCASGSLLDVREVFFGKGTRLTVVEDLKNVFPPEVAVFEPSEAEISHTQKATLVCLATGFYPDHVELSW
WVNGKEVHSGVCTDPQPLKEQPALNDSRYALSSRLRVSATFWQNPRNHFRCQVQFYGLSENDEWTQDRAKPVTQIVSAEA
WGRAD
;
D
#
# COMPACT_ATOMS: atom_id res chain seq x y z
N LYS A 6 3.92 11.99 -39.06
CA LYS A 6 4.21 10.53 -39.14
C LYS A 6 5.66 10.25 -38.72
N ASN A 7 6.31 11.28 -38.19
CA ASN A 7 7.77 11.26 -37.99
C ASN A 7 8.29 10.49 -36.77
N TYR A 8 8.01 11.00 -35.57
CA TYR A 8 8.66 10.49 -34.36
C TYR A 8 7.74 9.71 -33.42
N THR A 9 8.38 8.92 -32.56
CA THR A 9 7.68 8.15 -31.52
C THR A 9 8.45 8.26 -30.20
N PHE A 10 7.79 8.83 -29.20
CA PHE A 10 8.34 8.98 -27.86
C PHE A 10 7.97 7.76 -27.02
N ARG A 11 8.97 7.13 -26.40
CA ARG A 11 8.74 5.92 -25.62
C ARG A 11 9.38 6.01 -24.25
N CYS A 12 8.59 5.75 -23.21
CA CYS A 12 9.10 5.57 -21.85
C CYS A 12 9.02 4.09 -21.51
N LEU A 13 10.16 3.41 -21.62
CA LEU A 13 10.22 1.97 -21.43
C LEU A 13 10.58 1.61 -19.99
N GLN A 14 9.68 0.87 -19.34
CA GLN A 14 9.87 0.42 -17.97
C GLN A 14 9.98 -1.10 -17.94
N MET A 15 10.96 -1.60 -17.19
CA MET A 15 11.13 -3.04 -17.00
C MET A 15 11.28 -3.39 -15.53
N SER A 16 10.35 -4.19 -15.02
CA SER A 16 10.32 -4.56 -13.61
C SER A 16 10.49 -6.06 -13.40
N SER A 17 11.36 -6.42 -12.46
CA SER A 17 11.64 -7.82 -12.15
C SER A 17 11.32 -8.14 -10.70
N PHE A 18 10.56 -9.20 -10.49
CA PHE A 18 10.18 -9.66 -9.16
C PHE A 18 10.51 -11.15 -9.03
N ALA A 19 11.62 -11.45 -8.36
CA ALA A 19 12.09 -12.84 -8.21
C ALA A 19 11.48 -13.49 -6.96
N ASN A 20 11.72 -12.88 -5.81
CA ASN A 20 11.05 -13.24 -4.57
C ASN A 20 10.50 -12.13 -3.68
N ARG A 21 9.77 -12.47 -2.64
CA ARG A 21 9.05 -11.44 -1.90
C ARG A 21 9.98 -10.20 -1.58
N SER A 22 11.08 -10.57 -0.93
CA SER A 22 12.19 -9.66 -0.68
C SER A 22 12.97 -8.91 -1.76
N TRP A 23 13.14 -9.56 -2.92
CA TRP A 23 13.99 -9.02 -4.00
C TRP A 23 13.18 -8.52 -5.16
N SER A 24 13.40 -7.25 -5.53
CA SER A 24 12.76 -6.65 -6.69
C SER A 24 13.56 -5.46 -7.22
N ARG A 25 13.40 -5.15 -8.51
CA ARG A 25 14.03 -3.98 -9.12
C ARG A 25 13.20 -3.42 -10.28
N THR A 26 13.36 -2.12 -10.53
CA THR A 26 12.72 -1.45 -11.65
C THR A 26 13.71 -0.51 -12.34
N ASP A 27 13.92 -0.72 -13.63
CA ASP A 27 14.82 0.09 -14.43
C ASP A 27 14.07 0.67 -15.64
N SER A 28 14.29 1.95 -15.92
CA SER A 28 13.57 2.64 -17.00
C SER A 28 14.49 3.39 -17.94
N VAL A 29 14.14 3.37 -19.23
CA VAL A 29 14.84 4.14 -20.26
C VAL A 29 13.81 4.89 -21.13
N VAL A 30 14.23 6.04 -21.66
CA VAL A 30 13.34 6.85 -22.50
C VAL A 30 13.96 7.14 -23.87
N TRP A 31 13.18 6.91 -24.92
CA TRP A 31 13.64 7.08 -26.30
C TRP A 31 12.81 8.04 -27.08
N LEU A 32 13.48 8.99 -27.73
CA LEU A 32 12.85 9.85 -28.74
C LEU A 32 13.45 9.51 -30.10
N GLY A 33 12.60 9.08 -31.03
CA GLY A 33 13.04 8.60 -32.34
C GLY A 33 13.83 7.32 -32.18
N ASP A 34 15.16 7.46 -32.14
CA ASP A 34 16.05 6.35 -31.79
C ASP A 34 17.19 6.82 -30.88
N LEU A 35 17.04 8.02 -30.35
CA LEU A 35 18.01 8.61 -29.43
C LEU A 35 17.49 8.54 -28.00
N GLN A 36 18.30 7.97 -27.11
CA GLN A 36 17.94 7.88 -25.69
C GLN A 36 17.98 9.26 -25.06
N THR A 37 16.89 9.61 -24.37
CA THR A 37 16.76 10.94 -23.75
C THR A 37 16.95 10.88 -22.24
N HIS A 38 16.43 9.83 -21.60
CA HIS A 38 16.54 9.68 -20.15
C HIS A 38 16.90 8.29 -19.72
N ARG A 39 17.47 8.20 -18.53
CA ARG A 39 17.85 6.94 -17.90
C ARG A 39 17.54 7.01 -16.42
N TRP A 40 16.92 5.95 -15.89
CA TRP A 40 16.58 5.89 -14.48
C TRP A 40 16.62 4.49 -13.96
N SER A 41 17.44 4.27 -12.94
CA SER A 41 17.71 2.93 -12.42
C SER A 41 17.34 2.78 -10.96
N ASN A 42 17.14 1.53 -10.53
CA ASN A 42 16.67 1.21 -9.18
C ASN A 42 17.43 1.94 -8.07
N ASP A 43 18.75 2.01 -8.20
CA ASP A 43 19.59 2.68 -7.21
C ASP A 43 19.44 4.21 -7.24
N SER A 44 19.32 4.76 -8.44
CA SER A 44 19.18 6.21 -8.62
C SER A 44 17.81 6.69 -8.18
N ALA A 45 17.80 7.61 -7.21
CA ALA A 45 16.57 8.21 -6.71
C ALA A 45 15.96 9.15 -7.74
N THR A 46 16.82 9.80 -8.53
CA THR A 46 16.40 10.81 -9.50
C THR A 46 16.62 10.35 -10.94
N ILE A 47 15.77 10.86 -11.85
CA ILE A 47 15.90 10.59 -13.27
C ILE A 47 17.10 11.34 -13.85
N SER A 48 17.94 10.62 -14.58
CA SER A 48 19.15 11.21 -15.19
C SER A 48 18.92 11.60 -16.65
N PHE A 49 19.45 12.76 -17.02
CA PHE A 49 19.41 13.24 -18.41
C PHE A 49 20.57 12.61 -19.18
N THR A 50 20.32 12.25 -20.44
CA THR A 50 21.37 11.69 -21.30
C THR A 50 21.75 12.63 -22.43
N LYS A 51 20.93 13.66 -22.63
CA LYS A 51 21.20 14.70 -23.63
C LYS A 51 21.21 16.08 -22.93
N PRO A 52 21.91 17.08 -23.52
CA PRO A 52 21.89 18.43 -22.96
C PRO A 52 20.53 19.11 -23.05
N TRP A 53 19.57 18.46 -23.71
CA TRP A 53 18.24 19.02 -23.96
C TRP A 53 17.12 18.15 -23.45
N SER A 54 17.44 17.23 -22.54
CA SER A 54 16.48 16.24 -22.05
C SER A 54 15.32 16.81 -21.24
N GLN A 55 15.52 18.00 -20.66
CA GLN A 55 14.46 18.66 -19.89
C GLN A 55 13.41 19.32 -20.80
N GLY A 56 13.78 19.56 -22.06
CA GLY A 56 12.89 20.16 -23.03
C GLY A 56 12.61 21.62 -22.72
N LYS A 57 11.36 22.04 -22.87
CA LYS A 57 10.97 23.42 -22.60
C LYS A 57 10.53 23.64 -21.15
N LEU A 58 10.54 22.56 -20.38
CA LEU A 58 9.99 22.55 -19.02
C LEU A 58 10.85 23.28 -18.00
N SER A 59 10.18 23.99 -17.08
CA SER A 59 10.84 24.67 -15.97
C SER A 59 11.42 23.67 -14.98
N ASN A 60 12.32 24.14 -14.11
CA ASN A 60 12.89 23.32 -13.05
C ASN A 60 11.83 22.77 -12.11
N GLN A 61 10.77 23.53 -11.88
CA GLN A 61 9.65 23.13 -11.03
C GLN A 61 8.65 22.26 -11.78
N GLN A 62 8.36 22.62 -13.04
CA GLN A 62 7.54 21.80 -13.94
C GLN A 62 8.11 20.39 -14.02
N TRP A 63 9.44 20.32 -14.10
CA TRP A 63 10.18 19.07 -14.15
C TRP A 63 10.15 18.34 -12.83
N GLU A 64 10.34 19.08 -11.75
CA GLU A 64 10.33 18.51 -10.39
C GLU A 64 8.96 17.95 -9.99
N LYS A 65 7.89 18.51 -10.58
CA LYS A 65 6.55 17.98 -10.39
C LYS A 65 6.47 16.55 -10.94
N LEU A 66 6.94 16.37 -12.17
CA LEU A 66 6.95 15.07 -12.82
C LEU A 66 7.85 14.07 -12.11
N GLN A 67 9.07 14.50 -11.80
CA GLN A 67 10.05 13.63 -11.13
C GLN A 67 9.54 13.13 -9.78
N HIS A 68 8.92 14.02 -9.00
CA HIS A 68 8.33 13.64 -7.71
C HIS A 68 7.13 12.74 -7.89
N MET A 69 6.34 13.01 -8.92
CA MET A 69 5.17 12.18 -9.25
C MET A 69 5.59 10.78 -9.71
N PHE A 70 6.74 10.71 -10.39
CA PHE A 70 7.28 9.42 -10.86
C PHE A 70 7.98 8.65 -9.75
N GLN A 71 8.71 9.36 -8.88
CA GLN A 71 9.37 8.76 -7.71
C GLN A 71 8.36 8.11 -6.79
N VAL A 72 7.25 8.80 -6.56
CA VAL A 72 6.13 8.28 -5.77
C VAL A 72 5.48 7.08 -6.46
N TYR A 73 5.35 7.16 -7.78
CA TYR A 73 4.78 6.07 -8.58
C TYR A 73 5.60 4.79 -8.52
N ARG A 74 6.92 4.91 -8.67
CA ARG A 74 7.83 3.75 -8.70
C ARG A 74 7.63 2.83 -7.49
N VAL A 75 7.76 3.39 -6.30
CA VAL A 75 7.63 2.64 -5.05
C VAL A 75 6.19 2.15 -4.84
N SER A 76 5.23 2.91 -5.36
CA SER A 76 3.83 2.52 -5.34
C SER A 76 3.57 1.33 -6.26
N PHE A 77 4.21 1.34 -7.42
CA PHE A 77 4.08 0.26 -8.41
C PHE A 77 4.65 -1.06 -7.88
N THR A 78 5.80 -0.99 -7.23
CA THR A 78 6.47 -2.18 -6.67
C THR A 78 5.58 -2.89 -5.65
N ARG A 79 5.07 -2.14 -4.68
CA ARG A 79 4.24 -2.69 -3.61
C ARG A 79 2.88 -3.17 -4.11
N ASP A 80 2.35 -2.52 -5.14
CA ASP A 80 1.06 -2.89 -5.72
C ASP A 80 1.12 -4.21 -6.49
N ILE A 81 2.27 -4.48 -7.11
CA ILE A 81 2.51 -5.76 -7.78
C ILE A 81 2.62 -6.89 -6.76
N GLN A 82 3.38 -6.65 -5.70
CA GLN A 82 3.57 -7.62 -4.61
C GLN A 82 2.25 -8.03 -3.95
N GLU A 83 1.34 -7.07 -3.81
CA GLU A 83 0.01 -7.32 -3.25
C GLU A 83 -0.90 -8.07 -4.22
N LEU A 84 -0.66 -7.88 -5.52
CA LEU A 84 -1.43 -8.58 -6.55
C LEU A 84 -1.10 -10.07 -6.60
N VAL A 85 0.15 -10.42 -6.33
CA VAL A 85 0.57 -11.82 -6.25
C VAL A 85 0.01 -12.46 -4.97
N LYS A 86 -0.08 -11.68 -3.91
CA LYS A 86 -0.74 -12.10 -2.67
C LYS A 86 -2.21 -12.45 -2.94
N MET A 87 -2.85 -11.63 -3.77
CA MET A 87 -4.24 -11.81 -4.16
C MET A 87 -4.41 -13.00 -5.11
N MET A 88 -3.59 -13.05 -6.15
CA MET A 88 -3.59 -14.15 -7.11
C MET A 88 -2.69 -15.28 -6.61
N SER A 89 -3.27 -16.25 -5.91
CA SER A 89 -2.47 -17.29 -5.27
C SER A 89 -2.19 -18.56 -6.09
N PRO A 90 -3.23 -19.30 -6.50
CA PRO A 90 -2.93 -20.44 -7.39
C PRO A 90 -2.76 -20.03 -8.85
N LYS A 91 -3.32 -18.89 -9.24
CA LYS A 91 -3.37 -18.48 -10.64
C LYS A 91 -2.04 -17.97 -11.19
N GLU A 92 -1.29 -17.24 -10.36
CA GLU A 92 -0.01 -16.66 -10.77
C GLU A 92 0.98 -16.56 -9.62
N ASP A 93 2.24 -16.88 -9.90
CA ASP A 93 3.30 -16.90 -8.88
C ASP A 93 4.68 -16.46 -9.40
N TYR A 94 5.54 -16.02 -8.48
CA TYR A 94 6.91 -15.60 -8.81
C TYR A 94 7.67 -16.65 -9.63
N PRO A 95 8.61 -16.22 -10.49
CA PRO A 95 9.07 -14.85 -10.73
C PRO A 95 8.23 -14.08 -11.74
N ILE A 96 8.22 -12.76 -11.61
CA ILE A 96 7.37 -11.89 -12.42
C ILE A 96 8.19 -10.86 -13.20
N GLU A 97 7.87 -10.72 -14.48
CA GLU A 97 8.49 -9.73 -15.35
C GLU A 97 7.43 -8.86 -16.03
N ILE A 98 7.39 -7.58 -15.66
CA ILE A 98 6.46 -6.63 -16.27
C ILE A 98 7.22 -5.59 -17.10
N GLN A 99 6.69 -5.31 -18.30
CA GLN A 99 7.25 -4.29 -19.18
C GLN A 99 6.18 -3.28 -19.54
N LEU A 100 6.44 -2.00 -19.21
CA LEU A 100 5.54 -0.92 -19.59
C LEU A 100 6.14 -0.10 -20.72
N SER A 101 5.31 0.19 -21.73
CA SER A 101 5.68 1.08 -22.82
C SER A 101 4.64 2.18 -22.94
N ALA A 102 4.98 3.36 -22.41
CA ALA A 102 4.10 4.52 -22.45
C ALA A 102 4.74 5.64 -23.25
N GLY A 103 3.91 6.35 -24.02
CA GLY A 103 4.40 7.47 -24.82
C GLY A 103 3.38 7.96 -25.83
N CYS A 104 3.84 8.75 -26.78
CA CYS A 104 2.97 9.36 -27.77
C CYS A 104 3.65 9.57 -29.13
N GLU A 105 3.03 9.05 -30.19
CA GLU A 105 3.51 9.21 -31.57
C GLU A 105 3.24 10.61 -32.08
N MET A 106 4.26 11.23 -32.68
CA MET A 106 4.17 12.61 -33.15
C MET A 106 3.84 12.74 -34.63
N TYR A 107 2.99 13.70 -34.95
CA TYR A 107 2.55 13.95 -36.32
C TYR A 107 2.54 15.45 -36.64
N PRO A 108 2.23 15.81 -37.91
CA PRO A 108 1.99 17.21 -38.23
C PRO A 108 0.66 17.68 -37.64
N GLY A 109 0.62 18.92 -37.16
CA GLY A 109 -0.57 19.47 -36.53
C GLY A 109 -0.99 18.70 -35.30
N ASN A 110 0.00 18.38 -34.45
CA ASN A 110 -0.22 17.81 -33.11
C ASN A 110 -1.15 16.61 -32.96
N ALA A 111 -1.13 15.68 -33.91
CA ALA A 111 -2.00 14.50 -33.81
C ALA A 111 -1.69 13.63 -32.59
N SER A 112 -0.42 13.59 -32.20
CA SER A 112 0.00 13.08 -30.88
C SER A 112 -0.87 11.97 -30.28
N GLU A 113 -0.85 10.81 -30.92
CA GLU A 113 -1.53 9.65 -30.39
C GLU A 113 -0.79 9.18 -29.15
N SER A 114 -1.53 8.77 -28.14
CA SER A 114 -0.93 8.24 -26.92
C SER A 114 -1.21 6.76 -26.70
N PHE A 115 -0.27 6.09 -26.03
CA PHE A 115 -0.39 4.66 -25.72
C PHE A 115 0.20 4.33 -24.35
N LEU A 116 -0.38 3.34 -23.70
CA LEU A 116 0.22 2.74 -22.51
C LEU A 116 0.01 1.23 -22.57
N HIS A 117 1.05 0.53 -23.01
CA HIS A 117 1.00 -0.90 -23.22
C HIS A 117 1.76 -1.62 -22.16
N VAL A 118 1.17 -2.68 -21.62
CA VAL A 118 1.78 -3.46 -20.55
C VAL A 118 1.96 -4.91 -20.99
N ALA A 119 3.19 -5.40 -20.88
CA ALA A 119 3.48 -6.80 -21.15
C ALA A 119 3.78 -7.53 -19.84
N PHE A 120 3.36 -8.78 -19.78
CA PHE A 120 3.55 -9.62 -18.61
C PHE A 120 4.20 -10.94 -19.03
N GLN A 121 5.33 -11.24 -18.41
CA GLN A 121 6.17 -12.41 -18.74
C GLN A 121 6.60 -12.43 -20.22
N GLY A 122 6.68 -11.25 -20.82
CA GLY A 122 7.08 -11.12 -22.22
C GLY A 122 5.91 -10.98 -23.20
N LYS A 123 4.72 -11.34 -22.75
CA LYS A 123 3.52 -11.27 -23.60
C LYS A 123 2.68 -10.05 -23.29
N TYR A 124 2.29 -9.33 -24.34
CA TYR A 124 1.46 -8.13 -24.24
C TYR A 124 0.04 -8.50 -23.81
N VAL A 125 -0.41 -7.92 -22.70
CA VAL A 125 -1.66 -8.34 -22.06
C VAL A 125 -2.65 -7.20 -21.78
N VAL A 126 -2.16 -6.13 -21.15
CA VAL A 126 -3.04 -5.05 -20.67
C VAL A 126 -2.72 -3.72 -21.36
N ARG A 127 -3.77 -3.02 -21.77
CA ARG A 127 -3.65 -1.70 -22.38
C ARG A 127 -4.51 -0.70 -21.62
N PHE A 128 -3.98 0.49 -21.35
CA PHE A 128 -4.80 1.59 -20.86
C PHE A 128 -5.48 2.26 -22.05
N TRP A 129 -6.77 2.46 -21.96
CA TRP A 129 -7.47 3.02 -23.07
C TRP A 129 -8.53 3.95 -22.59
N GLY A 130 -8.75 5.04 -23.29
CA GLY A 130 -9.86 5.87 -22.92
C GLY A 130 -9.64 6.22 -21.50
N THR A 131 -10.61 5.89 -20.68
CA THR A 131 -10.59 6.19 -19.28
C THR A 131 -10.13 5.09 -18.36
N SER A 132 -9.86 3.90 -18.88
CA SER A 132 -9.70 2.72 -18.05
C SER A 132 -8.69 1.74 -18.59
N TRP A 133 -8.27 0.80 -17.74
CA TRP A 133 -7.45 -0.34 -18.15
C TRP A 133 -8.32 -1.35 -18.85
N GLN A 134 -7.71 -2.15 -19.72
CA GLN A 134 -8.38 -3.28 -20.35
C GLN A 134 -7.42 -4.31 -20.93
N THR A 135 -7.82 -5.57 -20.88
CA THR A 135 -7.06 -6.68 -21.45
C THR A 135 -7.26 -6.76 -22.95
N VAL A 136 -6.18 -7.02 -23.67
CA VAL A 136 -6.23 -7.17 -25.13
C VAL A 136 -6.56 -8.61 -25.53
N PRO A 137 -7.07 -8.82 -26.77
CA PRO A 137 -7.33 -10.17 -27.26
C PRO A 137 -6.15 -11.11 -27.08
N GLY A 138 -6.41 -12.28 -26.49
CA GLY A 138 -5.38 -13.28 -26.23
C GLY A 138 -4.77 -13.23 -24.84
N ALA A 139 -5.32 -12.36 -23.99
CA ALA A 139 -4.84 -12.22 -22.61
C ALA A 139 -5.35 -13.36 -21.73
N PRO A 140 -4.53 -13.81 -20.76
CA PRO A 140 -4.97 -14.81 -19.79
C PRO A 140 -6.21 -14.33 -19.02
N SER A 141 -7.16 -15.25 -18.82
CA SER A 141 -8.46 -14.93 -18.24
C SER A 141 -8.43 -14.45 -16.79
N TRP A 142 -7.40 -14.85 -16.05
CA TRP A 142 -7.27 -14.50 -14.64
C TRP A 142 -7.03 -13.03 -14.40
N LEU A 143 -6.61 -12.32 -15.45
CA LEU A 143 -6.35 -10.87 -15.37
C LEU A 143 -7.61 -10.03 -15.21
N ASP A 144 -8.76 -10.62 -15.48
CA ASP A 144 -10.06 -9.93 -15.39
C ASP A 144 -10.32 -9.28 -14.03
N LEU A 145 -9.96 -9.97 -12.96
CA LEU A 145 -10.16 -9.46 -11.60
C LEU A 145 -9.19 -8.34 -11.21
N PRO A 146 -7.85 -8.57 -11.35
CA PRO A 146 -6.90 -7.48 -11.05
C PRO A 146 -7.17 -6.18 -11.80
N ILE A 147 -7.71 -6.26 -13.01
CA ILE A 147 -8.08 -5.09 -13.79
C ILE A 147 -9.24 -4.34 -13.14
N LYS A 148 -10.27 -5.08 -12.72
CA LYS A 148 -11.40 -4.52 -11.96
C LYS A 148 -10.93 -3.83 -10.68
N VAL A 149 -10.06 -4.51 -9.93
CA VAL A 149 -9.49 -3.99 -8.69
C VAL A 149 -8.78 -2.65 -8.93
N LEU A 150 -7.99 -2.59 -10.00
CA LEU A 150 -7.22 -1.39 -10.34
C LEU A 150 -8.05 -0.27 -10.98
N ASN A 151 -9.14 -0.65 -11.65
CA ASN A 151 -10.04 0.34 -12.27
C ASN A 151 -10.93 1.08 -11.27
N ALA A 152 -11.05 0.53 -10.06
CA ALA A 152 -11.80 1.17 -8.98
C ALA A 152 -11.14 2.47 -8.51
N ASP A 153 -9.84 2.60 -8.78
CA ASP A 153 -9.08 3.81 -8.45
C ASP A 153 -9.22 4.84 -9.57
N GLN A 154 -10.18 5.75 -9.41
CA GLN A 154 -10.41 6.83 -10.38
C GLN A 154 -9.33 7.91 -10.29
N GLY A 155 -8.68 7.99 -9.13
CA GLY A 155 -7.58 8.93 -8.90
C GLY A 155 -6.37 8.66 -9.77
N THR A 156 -6.00 7.39 -9.88
CA THR A 156 -4.94 6.95 -10.77
C THR A 156 -5.31 7.24 -12.23
N SER A 157 -6.57 6.94 -12.57
CA SER A 157 -7.09 7.15 -13.93
C SER A 157 -6.99 8.61 -14.39
N ALA A 158 -7.31 9.55 -13.48
CA ALA A 158 -7.23 10.98 -13.78
C ALA A 158 -5.80 11.44 -14.03
N THR A 159 -4.86 10.84 -13.30
CA THR A 159 -3.44 11.15 -13.44
C THR A 159 -2.87 10.62 -14.76
N VAL A 160 -3.26 9.40 -15.13
CA VAL A 160 -2.82 8.76 -16.38
C VAL A 160 -3.38 9.50 -17.60
N GLN A 161 -4.66 9.82 -17.56
CA GLN A 161 -5.33 10.56 -18.64
C GLN A 161 -4.69 11.93 -18.88
N MET A 162 -4.15 12.54 -17.83
CA MET A 162 -3.44 13.80 -17.94
C MET A 162 -2.06 13.60 -18.56
N LEU A 163 -1.37 12.53 -18.13
CA LEU A 163 -0.05 12.18 -18.67
C LEU A 163 -0.09 11.91 -20.17
N LEU A 164 -1.11 11.18 -20.61
CA LEU A 164 -1.22 10.75 -22.00
C LEU A 164 -1.78 11.84 -22.92
N ASN A 165 -2.97 12.34 -22.60
CA ASN A 165 -3.65 13.33 -23.43
C ASN A 165 -2.96 14.69 -23.47
N ASP A 166 -2.46 15.14 -22.32
CA ASP A 166 -1.91 16.50 -22.19
C ASP A 166 -0.40 16.57 -22.03
N THR A 167 0.11 15.95 -20.97
CA THR A 167 1.52 16.11 -20.57
C THR A 167 2.52 15.49 -21.57
N CYS A 168 2.13 14.39 -22.21
CA CYS A 168 2.97 13.71 -23.21
C CYS A 168 3.27 14.61 -24.42
N PRO A 169 2.22 14.99 -25.20
CA PRO A 169 2.44 15.78 -26.40
C PRO A 169 3.09 17.13 -26.11
N LEU A 170 2.68 17.75 -25.01
CA LEU A 170 3.22 19.03 -24.56
C LEU A 170 4.72 18.93 -24.27
N PHE A 171 5.13 17.82 -23.65
CA PHE A 171 6.53 17.61 -23.29
C PHE A 171 7.43 17.33 -24.48
N VAL A 172 6.95 16.46 -25.38
CA VAL A 172 7.76 15.99 -26.50
C VAL A 172 7.95 17.02 -27.61
N ARG A 173 6.96 17.89 -27.77
CA ARG A 173 7.08 18.99 -28.72
C ARG A 173 8.24 19.85 -28.24
N GLY A 174 8.32 20.01 -26.92
CA GLY A 174 9.42 20.74 -26.30
C GLY A 174 10.77 20.13 -26.65
N LEU A 175 10.84 18.80 -26.59
CA LEU A 175 12.06 18.06 -26.95
C LEU A 175 12.39 18.19 -28.42
N LEU A 176 11.37 18.12 -29.27
CA LEU A 176 11.53 18.23 -30.72
C LEU A 176 12.18 19.54 -31.16
N GLU A 177 12.00 20.57 -30.35
CA GLU A 177 12.66 21.85 -30.57
C GLU A 177 13.99 21.94 -29.83
N ALA A 178 13.98 21.60 -28.54
CA ALA A 178 15.17 21.69 -27.68
C ALA A 178 16.34 20.86 -28.21
N GLY A 179 16.03 19.73 -28.84
CA GLY A 179 17.04 18.87 -29.44
C GLY A 179 16.93 18.74 -30.94
N LYS A 180 16.54 19.83 -31.60
CA LYS A 180 16.38 19.87 -33.05
C LYS A 180 17.70 19.52 -33.78
N SER A 181 18.82 20.01 -33.25
CA SER A 181 20.13 19.80 -33.83
C SER A 181 20.54 18.33 -33.86
N ASP A 182 20.42 17.66 -32.71
CA ASP A 182 20.77 16.24 -32.58
C ASP A 182 19.86 15.32 -33.38
N LEU A 183 18.57 15.67 -33.44
CA LEU A 183 17.58 14.86 -34.16
C LEU A 183 17.77 14.88 -35.67
N GLU A 184 18.22 16.02 -36.19
CA GLU A 184 18.34 16.22 -37.64
C GLU A 184 19.77 16.11 -38.17
N LYS A 185 20.70 15.73 -37.30
CA LYS A 185 22.12 15.61 -37.67
C LYS A 185 22.37 14.53 -38.72
N GLN A 186 23.43 14.74 -39.52
CA GLN A 186 23.81 13.79 -40.57
C GLN A 186 25.20 13.25 -40.32
N GLU A 187 25.31 11.92 -40.28
CA GLU A 187 26.59 11.23 -40.12
C GLU A 187 26.86 10.34 -41.33
N LYS A 188 28.09 10.40 -41.84
CA LYS A 188 28.46 9.70 -43.07
C LYS A 188 28.88 8.25 -42.83
N PRO A 189 28.33 7.31 -43.60
CA PRO A 189 28.70 5.90 -43.52
C PRO A 189 30.11 5.65 -44.07
N VAL A 190 30.80 4.68 -43.46
CA VAL A 190 32.13 4.26 -43.93
C VAL A 190 32.08 2.78 -44.28
N ALA A 191 32.39 2.46 -45.53
CA ALA A 191 32.25 1.10 -46.04
C ALA A 191 33.60 0.42 -46.30
N TRP A 192 33.65 -0.89 -46.03
CA TRP A 192 34.80 -1.72 -46.37
C TRP A 192 34.39 -3.12 -46.72
N LEU A 193 35.06 -3.68 -47.73
CA LEU A 193 34.70 -4.99 -48.27
C LEU A 193 35.38 -6.14 -47.56
N SER A 194 34.81 -7.34 -47.72
CA SER A 194 35.34 -8.56 -47.12
C SER A 194 34.77 -9.80 -47.82
N SER A 195 35.30 -10.97 -47.45
CA SER A 195 34.83 -12.24 -48.01
C SER A 195 35.20 -13.45 -47.15
N VAL A 196 34.28 -14.41 -47.09
CA VAL A 196 34.51 -15.71 -46.44
C VAL A 196 34.08 -16.84 -47.38
N PRO A 197 34.61 -18.06 -47.15
CA PRO A 197 34.16 -19.20 -47.97
C PRO A 197 32.72 -19.59 -47.67
N SER A 198 31.88 -19.60 -48.72
CA SER A 198 30.49 -20.01 -48.60
C SER A 198 30.39 -21.52 -48.39
N SER A 199 29.28 -21.97 -47.81
CA SER A 199 29.06 -23.38 -47.46
C SER A 199 29.28 -24.34 -48.63
N ALA A 200 28.78 -23.97 -49.80
CA ALA A 200 28.99 -24.74 -51.02
C ALA A 200 30.43 -24.65 -51.48
N HIS A 201 31.00 -25.80 -51.85
CA HIS A 201 32.39 -25.88 -52.31
C HIS A 201 32.57 -25.13 -53.61
N GLY A 202 33.53 -24.21 -53.62
CA GLY A 202 33.79 -23.37 -54.78
C GLY A 202 32.89 -22.16 -54.85
N HIS A 203 32.45 -21.68 -53.69
CA HIS A 203 31.61 -20.49 -53.59
C HIS A 203 32.13 -19.55 -52.53
N ARG A 204 31.97 -18.26 -52.78
CA ARG A 204 32.44 -17.23 -51.85
C ARG A 204 31.31 -16.31 -51.42
N GLN A 205 31.21 -16.07 -50.11
CA GLN A 205 30.26 -15.11 -49.57
C GLN A 205 30.94 -13.75 -49.40
N LEU A 206 30.58 -12.81 -50.27
CA LEU A 206 31.14 -11.46 -50.22
C LEU A 206 30.39 -10.61 -49.22
N VAL A 207 31.12 -9.88 -48.38
CA VAL A 207 30.53 -9.08 -47.31
C VAL A 207 30.88 -7.60 -47.48
N CYS A 208 29.84 -6.76 -47.51
CA CYS A 208 30.03 -5.30 -47.54
C CYS A 208 29.57 -4.68 -46.23
N HIS A 209 30.54 -4.20 -45.44
CA HIS A 209 30.27 -3.55 -44.17
C HIS A 209 29.98 -2.10 -44.38
N VAL A 210 29.00 -1.57 -43.65
CA VAL A 210 28.65 -0.15 -43.69
C VAL A 210 28.46 0.32 -42.25
N SER A 211 29.25 1.31 -41.81
CA SER A 211 29.26 1.70 -40.41
C SER A 211 29.30 3.22 -40.17
N GLY A 212 28.62 3.65 -39.11
CA GLY A 212 28.69 5.02 -38.61
C GLY A 212 27.77 6.04 -39.26
N PHE A 213 26.63 5.57 -39.79
CA PHE A 213 25.69 6.46 -40.46
C PHE A 213 24.50 6.87 -39.60
N TYR A 214 23.97 8.05 -39.89
CA TYR A 214 22.78 8.60 -39.24
C TYR A 214 22.19 9.68 -40.14
N PRO A 215 20.84 9.69 -40.32
CA PRO A 215 19.81 8.83 -39.71
C PRO A 215 19.78 7.39 -40.25
N LYS A 216 18.83 6.61 -39.76
CA LYS A 216 18.76 5.17 -39.98
C LYS A 216 18.43 4.70 -41.42
N PRO A 217 17.64 5.49 -42.19
CA PRO A 217 17.42 5.06 -43.58
C PRO A 217 18.70 4.98 -44.40
N VAL A 218 18.96 3.80 -44.96
CA VAL A 218 20.15 3.56 -45.76
C VAL A 218 19.83 2.60 -46.92
N TRP A 219 20.66 2.65 -47.96
CA TRP A 219 20.44 1.85 -49.17
C TRP A 219 21.73 1.18 -49.56
N VAL A 220 21.76 -0.15 -49.45
CA VAL A 220 22.97 -0.92 -49.74
C VAL A 220 22.67 -2.12 -50.65
N MET A 221 23.25 -2.10 -51.84
CA MET A 221 23.10 -3.20 -52.80
C MET A 221 24.40 -3.52 -53.55
N TRP A 222 24.72 -4.80 -53.61
CA TRP A 222 25.82 -5.30 -54.45
C TRP A 222 25.43 -5.14 -55.90
N MET A 223 26.38 -4.68 -56.72
CA MET A 223 26.09 -4.37 -58.13
C MET A 223 27.18 -4.81 -59.11
N ARG A 224 26.77 -5.00 -60.36
CA ARG A 224 27.68 -5.23 -61.48
C ARG A 224 27.32 -4.23 -62.57
N GLY A 225 27.86 -3.01 -62.45
CA GLY A 225 27.46 -1.89 -63.31
C GLY A 225 26.17 -1.28 -62.81
N ASP A 226 25.25 -1.02 -63.73
CA ASP A 226 23.92 -0.53 -63.36
C ASP A 226 23.02 -1.68 -62.91
N GLN A 227 23.26 -2.88 -63.46
CA GLN A 227 22.50 -4.07 -63.13
C GLN A 227 22.70 -4.47 -61.67
N GLU A 228 21.64 -4.32 -60.87
CA GLU A 228 21.66 -4.65 -59.45
C GLU A 228 21.69 -6.17 -59.27
N GLN A 229 22.61 -6.64 -58.44
CA GLN A 229 22.73 -8.08 -58.17
C GLN A 229 21.66 -8.52 -57.16
N GLN A 230 20.88 -9.51 -57.56
CA GLN A 230 19.66 -9.90 -56.83
C GLN A 230 19.91 -10.67 -55.53
N GLY A 231 20.97 -11.45 -55.48
CA GLY A 231 21.26 -12.31 -54.31
C GLY A 231 21.79 -11.60 -53.08
N THR A 232 21.62 -10.27 -53.03
CA THR A 232 22.11 -9.47 -51.92
C THR A 232 21.20 -9.64 -50.69
N HIS A 233 21.82 -10.01 -49.56
CA HIS A 233 21.10 -10.19 -48.32
C HIS A 233 21.45 -9.14 -47.30
N ARG A 234 20.50 -8.23 -47.08
CA ARG A 234 20.66 -7.17 -46.09
C ARG A 234 20.53 -7.73 -44.67
N GLY A 235 21.45 -7.33 -43.81
CA GLY A 235 21.42 -7.74 -42.40
C GLY A 235 20.50 -6.87 -41.57
N ASP A 236 20.52 -7.09 -40.26
CA ASP A 236 19.75 -6.27 -39.34
C ASP A 236 20.61 -5.08 -38.88
N PHE A 237 19.98 -3.92 -38.75
CA PHE A 237 20.65 -2.72 -38.27
C PHE A 237 21.23 -2.95 -36.87
N LEU A 238 22.53 -2.68 -36.72
CA LEU A 238 23.20 -2.89 -35.44
C LEU A 238 23.70 -1.56 -34.86
N PRO A 239 23.41 -1.31 -33.58
CA PRO A 239 23.76 -0.03 -32.97
C PRO A 239 25.24 0.08 -32.58
N ASN A 240 25.83 1.22 -32.89
CA ASN A 240 27.13 1.58 -32.37
C ASN A 240 26.95 2.35 -31.06
N ALA A 241 28.00 2.42 -30.25
CA ALA A 241 27.95 3.07 -28.94
C ALA A 241 27.67 4.58 -29.04
N ASP A 242 28.09 5.19 -30.15
CA ASP A 242 27.99 6.64 -30.34
C ASP A 242 26.71 7.07 -31.06
N GLU A 243 25.63 6.32 -30.85
CA GLU A 243 24.31 6.61 -31.45
C GLU A 243 24.31 6.58 -33.00
N THR A 244 25.17 5.74 -33.57
CA THR A 244 25.23 5.55 -35.02
C THR A 244 24.90 4.10 -35.38
N TRP A 245 24.67 3.84 -36.66
CA TRP A 245 24.22 2.53 -37.11
C TRP A 245 25.23 1.79 -37.95
N TYR A 246 25.21 0.46 -37.83
CA TYR A 246 26.04 -0.43 -38.63
C TYR A 246 25.18 -1.48 -39.33
N LEU A 247 25.52 -1.77 -40.60
CA LEU A 247 24.81 -2.75 -41.41
C LEU A 247 25.76 -3.44 -42.37
N GLN A 248 25.58 -4.76 -42.55
CA GLN A 248 26.33 -5.49 -43.57
C GLN A 248 25.42 -6.15 -44.61
N ALA A 249 25.81 -6.04 -45.87
CA ALA A 249 25.08 -6.66 -46.98
C ALA A 249 25.97 -7.68 -47.69
N THR A 250 25.44 -8.90 -47.85
CA THR A 250 26.22 -10.01 -48.38
C THR A 250 25.67 -10.58 -49.69
N LEU A 251 26.58 -10.91 -50.60
CA LEU A 251 26.26 -11.58 -51.86
C LEU A 251 27.05 -12.87 -51.99
N ASP A 252 26.43 -13.89 -52.60
CA ASP A 252 27.05 -15.21 -52.74
C ASP A 252 27.34 -15.52 -54.21
N VAL A 253 28.61 -15.81 -54.52
CA VAL A 253 29.05 -16.11 -55.89
C VAL A 253 30.13 -17.20 -55.92
N GLU A 254 30.35 -17.77 -57.11
CA GLU A 254 31.43 -18.73 -57.33
C GLU A 254 32.79 -18.05 -57.24
N ALA A 255 33.84 -18.85 -57.01
CA ALA A 255 35.21 -18.34 -56.98
C ALA A 255 35.64 -17.84 -58.36
N GLY A 256 36.21 -16.64 -58.39
CA GLY A 256 36.66 -16.01 -59.64
C GLY A 256 35.64 -15.07 -60.27
N GLU A 257 34.42 -15.10 -59.75
CA GLU A 257 33.32 -14.29 -60.28
C GLU A 257 33.24 -12.91 -59.62
N GLU A 258 34.16 -12.65 -58.69
CA GLU A 258 34.16 -11.43 -57.88
C GLU A 258 34.47 -10.15 -58.66
N ALA A 259 35.29 -10.28 -59.71
CA ALA A 259 35.73 -9.12 -60.48
C ALA A 259 34.60 -8.44 -61.24
N GLY A 260 34.53 -7.12 -61.14
CA GLY A 260 33.48 -6.33 -61.77
C GLY A 260 32.39 -5.92 -60.79
N LEU A 261 32.33 -6.59 -59.64
CA LEU A 261 31.33 -6.30 -58.61
C LEU A 261 31.72 -5.11 -57.74
N ALA A 262 30.70 -4.38 -57.28
CA ALA A 262 30.90 -3.21 -56.44
C ALA A 262 29.75 -3.05 -55.44
N CYS A 263 30.10 -2.71 -54.20
CA CYS A 263 29.10 -2.40 -53.19
C CYS A 263 28.71 -0.92 -53.28
N ARG A 264 27.49 -0.67 -53.73
CA ARG A 264 26.97 0.70 -53.81
C ARG A 264 26.16 1.04 -52.57
N VAL A 265 26.42 2.21 -52.00
CA VAL A 265 25.74 2.68 -50.80
C VAL A 265 25.19 4.09 -51.00
N LYS A 266 23.88 4.25 -50.78
CA LYS A 266 23.22 5.54 -50.86
C LYS A 266 22.69 5.96 -49.50
N HIS A 267 22.99 7.19 -49.10
CA HIS A 267 22.59 7.72 -47.80
C HIS A 267 22.30 9.19 -47.88
N SER A 268 21.46 9.67 -46.97
CA SER A 268 21.04 11.08 -46.94
C SER A 268 22.18 12.06 -46.68
N SER A 269 23.18 11.63 -45.91
CA SER A 269 24.31 12.47 -45.55
C SER A 269 25.34 12.64 -46.67
N LEU A 270 25.28 11.75 -47.66
CA LEU A 270 26.26 11.70 -48.73
C LEU A 270 26.00 12.72 -49.85
N GLY A 271 24.95 13.54 -49.68
CA GLY A 271 24.53 14.48 -50.72
C GLY A 271 24.00 13.72 -51.93
N GLY A 272 24.63 13.96 -53.08
CA GLY A 272 24.32 13.20 -54.29
C GLY A 272 25.33 12.08 -54.52
N GLN A 273 26.48 12.19 -53.88
CA GLN A 273 27.60 11.27 -54.09
C GLN A 273 27.40 9.93 -53.38
N ASP A 274 27.03 8.91 -54.15
CA ASP A 274 26.88 7.55 -53.63
C ASP A 274 28.24 6.88 -53.49
N ILE A 275 28.43 6.11 -52.43
CA ILE A 275 29.67 5.37 -52.23
C ILE A 275 29.65 4.11 -53.10
N ILE A 276 30.39 4.15 -54.21
CA ILE A 276 30.57 2.99 -55.07
C ILE A 276 31.94 2.39 -54.79
N LEU A 277 31.95 1.20 -54.20
CA LEU A 277 33.18 0.57 -53.75
C LEU A 277 33.42 -0.76 -54.49
N TYR A 278 34.33 -0.70 -55.47
CA TYR A 278 34.62 -1.84 -56.34
C TYR A 278 35.44 -2.93 -55.65
N TRP A 279 35.23 -4.17 -56.05
CA TRP A 279 35.81 -5.33 -55.37
C TRP A 279 37.31 -5.30 -55.30
N GLY A 280 37.98 -5.35 -56.45
CA GLY A 280 39.43 -5.37 -56.49
C GLY A 280 40.05 -3.99 -56.64
N SER A 281 39.55 -3.04 -55.86
CA SER A 281 39.99 -1.64 -55.94
C SER A 281 41.37 -1.43 -55.34
N LEU A 282 42.00 -0.32 -55.71
CA LEU A 282 43.28 0.10 -55.13
C LEU A 282 43.19 0.10 -53.61
N HIS A 283 42.04 0.56 -53.10
CA HIS A 283 41.81 0.71 -51.67
C HIS A 283 41.46 -0.58 -51.00
N HIS A 284 40.71 -1.45 -51.68
CA HIS A 284 40.38 -2.75 -51.12
C HIS A 284 41.60 -3.62 -50.95
N ILE A 285 42.50 -3.57 -51.93
CA ILE A 285 43.79 -4.27 -51.85
C ILE A 285 44.57 -3.81 -50.62
N LEU A 286 44.67 -2.50 -50.44
CA LEU A 286 45.41 -1.91 -49.33
C LEU A 286 44.76 -2.15 -47.96
N ASP A 287 43.44 -1.90 -47.88
CA ASP A 287 42.69 -2.07 -46.65
C ASP A 287 42.60 -3.53 -46.20
N ALA A 288 42.63 -4.44 -47.16
CA ALA A 288 42.62 -5.88 -46.88
C ALA A 288 43.93 -6.36 -46.27
N GLN A 289 45.03 -5.74 -46.70
CA GLN A 289 46.37 -6.08 -46.21
C GLN A 289 46.59 -5.65 -44.76
N LYS A 290 45.79 -4.70 -44.30
CA LYS A 290 45.83 -4.23 -42.92
C LYS A 290 44.95 -5.10 -42.00
N MET A 291 44.29 -6.10 -42.59
CA MET A 291 43.32 -6.93 -41.89
C MET A 291 43.78 -8.37 -41.61
N VAL A 292 44.73 -8.86 -42.40
CA VAL A 292 45.15 -10.27 -42.37
C VAL A 292 45.41 -10.83 -40.96
N TRP A 293 44.99 -12.08 -40.76
CA TRP A 293 45.05 -12.73 -39.43
C TRP A 293 45.07 -14.22 -39.50
N ASN A 294 45.38 -14.86 -38.36
CA ASN A 294 45.50 -16.31 -38.27
C ASN A 294 44.16 -17.03 -38.06
N HIS A 295 43.33 -17.02 -39.10
CA HIS A 295 41.99 -17.63 -39.10
C HIS A 295 41.86 -18.80 -38.17
N ILE B 1 14.37 -20.48 -18.21
CA ILE B 1 14.14 -19.23 -19.00
C ILE B 1 13.47 -19.54 -20.34
N GLN B 2 12.84 -18.52 -20.93
CA GLN B 2 12.00 -18.70 -22.11
C GLN B 2 12.68 -18.42 -23.45
N LYS B 3 13.39 -17.29 -23.55
CA LYS B 3 13.99 -16.89 -24.83
C LYS B 3 15.53 -16.87 -24.84
N THR B 4 16.09 -17.26 -25.98
CA THR B 4 17.53 -17.45 -26.16
C THR B 4 18.20 -16.24 -26.83
N PRO B 5 19.35 -15.78 -26.30
CA PRO B 5 20.05 -14.61 -26.82
C PRO B 5 20.70 -14.79 -28.20
N GLN B 6 20.41 -13.87 -29.12
CA GLN B 6 21.18 -13.70 -30.34
C GLN B 6 22.42 -12.87 -30.01
N ILE B 7 23.57 -13.30 -30.51
CA ILE B 7 24.84 -12.60 -30.23
C ILE B 7 25.55 -12.22 -31.54
N GLN B 8 25.92 -10.94 -31.64
CA GLN B 8 26.59 -10.42 -32.83
C GLN B 8 27.78 -9.54 -32.45
N VAL B 9 28.98 -9.94 -32.91
CA VAL B 9 30.22 -9.21 -32.62
C VAL B 9 30.73 -8.51 -33.88
N TYR B 10 30.96 -7.20 -33.75
CA TYR B 10 31.37 -6.35 -34.88
C TYR B 10 32.14 -5.13 -34.37
N SER B 11 32.93 -4.52 -35.25
CA SER B 11 33.75 -3.37 -34.87
C SER B 11 33.19 -2.06 -35.39
N ARG B 12 33.45 -0.98 -34.66
CA ARG B 12 33.00 0.36 -35.00
C ARG B 12 33.62 0.85 -36.32
N HIS B 13 34.92 0.65 -36.47
CA HIS B 13 35.66 1.12 -37.64
C HIS B 13 36.24 -0.02 -38.42
N PRO B 14 36.59 0.23 -39.70
CA PRO B 14 37.33 -0.78 -40.49
C PRO B 14 38.57 -1.22 -39.74
N PRO B 15 38.78 -2.55 -39.61
CA PRO B 15 39.90 -3.02 -38.80
C PRO B 15 41.25 -2.88 -39.51
N GLU B 16 42.16 -2.15 -38.88
CA GLU B 16 43.54 -2.04 -39.32
C GLU B 16 44.42 -2.57 -38.19
N ASN B 17 45.24 -3.56 -38.49
CA ASN B 17 46.10 -4.18 -37.48
C ASN B 17 47.08 -3.19 -36.84
N GLY B 18 46.93 -2.99 -35.53
CA GLY B 18 47.77 -2.07 -34.78
C GLY B 18 47.16 -0.70 -34.56
N LYS B 19 45.94 -0.50 -35.06
CA LYS B 19 45.23 0.77 -34.90
C LYS B 19 44.03 0.61 -33.96
N PRO B 20 43.91 1.52 -32.97
CA PRO B 20 42.83 1.49 -31.98
C PRO B 20 41.43 1.53 -32.60
N ASN B 21 40.52 0.77 -32.02
CA ASN B 21 39.15 0.64 -32.51
C ASN B 21 38.22 0.29 -31.35
N ILE B 22 36.92 0.22 -31.63
CA ILE B 22 35.94 -0.17 -30.62
C ILE B 22 35.19 -1.44 -31.07
N LEU B 23 35.21 -2.46 -30.23
CA LEU B 23 34.50 -3.71 -30.50
C LEU B 23 33.13 -3.70 -29.82
N ASN B 24 32.10 -4.01 -30.60
CA ASN B 24 30.73 -4.05 -30.11
C ASN B 24 30.21 -5.47 -29.99
N CYS B 25 29.69 -5.81 -28.81
CA CYS B 25 28.96 -7.06 -28.60
C CYS B 25 27.49 -6.72 -28.37
N TYR B 26 26.65 -7.12 -29.33
CA TYR B 26 25.23 -6.77 -29.32
C TYR B 26 24.37 -8.01 -29.09
N VAL B 27 23.72 -8.05 -27.93
CA VAL B 27 22.90 -9.19 -27.52
C VAL B 27 21.41 -8.86 -27.67
N THR B 28 20.65 -9.79 -28.26
CA THR B 28 19.25 -9.55 -28.62
C THR B 28 18.36 -10.76 -28.36
N GLN B 29 17.04 -10.53 -28.33
CA GLN B 29 16.01 -11.57 -28.30
C GLN B 29 15.97 -12.45 -27.05
N PHE B 30 16.44 -11.92 -25.92
CA PHE B 30 16.52 -12.71 -24.68
C PHE B 30 15.47 -12.36 -23.64
N HIS B 31 14.99 -13.40 -22.95
CA HIS B 31 14.05 -13.28 -21.83
C HIS B 31 14.29 -14.43 -20.90
N PRO B 32 14.31 -14.18 -19.57
CA PRO B 32 14.17 -12.93 -18.80
C PRO B 32 15.29 -11.92 -19.03
N PRO B 33 15.11 -10.66 -18.53
CA PRO B 33 16.10 -9.60 -18.71
C PRO B 33 17.45 -9.84 -18.05
N HIS B 34 17.51 -10.75 -17.07
CA HIS B 34 18.80 -11.01 -16.41
C HIS B 34 19.75 -11.76 -17.28
N ILE B 35 20.96 -11.22 -17.37
CA ILE B 35 21.99 -11.71 -18.27
C ILE B 35 23.36 -11.27 -17.76
N GLU B 36 24.39 -12.03 -18.09
CA GLU B 36 25.76 -11.63 -17.78
C GLU B 36 26.61 -11.64 -19.05
N ILE B 37 27.16 -10.48 -19.38
CA ILE B 37 27.97 -10.31 -20.58
C ILE B 37 29.39 -9.90 -20.20
N GLN B 38 30.36 -10.69 -20.65
CA GLN B 38 31.77 -10.40 -20.42
C GLN B 38 32.57 -10.53 -21.70
N MET B 39 33.40 -9.52 -21.97
CA MET B 39 34.24 -9.52 -23.17
C MET B 39 35.65 -10.03 -22.87
N LEU B 40 36.12 -10.91 -23.75
CA LEU B 40 37.39 -11.60 -23.54
C LEU B 40 38.42 -11.28 -24.62
N LYS B 41 39.60 -10.84 -24.19
CA LYS B 41 40.76 -10.73 -25.07
C LYS B 41 41.68 -11.91 -24.77
N ASN B 42 41.84 -12.79 -25.77
CA ASN B 42 42.61 -14.03 -25.61
C ASN B 42 42.17 -14.91 -24.43
N GLY B 43 40.86 -15.12 -24.32
CA GLY B 43 40.29 -15.98 -23.29
C GLY B 43 40.17 -15.35 -21.91
N LYS B 44 40.88 -14.25 -21.70
CA LYS B 44 40.90 -13.55 -20.41
C LYS B 44 39.98 -12.32 -20.41
N LYS B 45 39.44 -12.00 -19.24
CA LYS B 45 38.50 -10.89 -19.09
C LYS B 45 39.08 -9.53 -19.41
N ILE B 46 38.30 -8.70 -20.09
CA ILE B 46 38.61 -7.29 -20.28
C ILE B 46 37.86 -6.50 -19.21
N PRO B 47 38.56 -5.71 -18.40
CA PRO B 47 37.90 -5.01 -17.30
C PRO B 47 37.18 -3.72 -17.72
N LYS B 48 37.69 -3.05 -18.75
CA LYS B 48 37.14 -1.77 -19.20
C LYS B 48 36.07 -1.95 -20.28
N VAL B 49 35.01 -2.67 -19.93
CA VAL B 49 33.87 -2.89 -20.82
C VAL B 49 32.71 -1.98 -20.38
N GLU B 50 32.17 -1.24 -21.33
CA GLU B 50 31.08 -0.30 -21.04
C GLU B 50 29.74 -0.82 -21.56
N MET B 51 28.76 -0.83 -20.66
CA MET B 51 27.42 -1.34 -20.97
C MET B 51 26.46 -0.21 -21.28
N SER B 52 25.72 -0.35 -22.37
CA SER B 52 24.58 0.51 -22.64
C SER B 52 23.44 0.04 -21.75
N ASP B 53 22.51 0.95 -21.42
CA ASP B 53 21.36 0.59 -20.62
C ASP B 53 20.45 -0.38 -21.36
N MET B 54 19.85 -1.31 -20.61
CA MET B 54 18.98 -2.31 -21.20
C MET B 54 17.66 -1.69 -21.65
N SER B 55 17.20 -2.12 -22.82
CA SER B 55 15.98 -1.63 -23.43
C SER B 55 15.32 -2.78 -24.19
N PHE B 56 14.09 -2.57 -24.64
CA PHE B 56 13.41 -3.57 -25.46
C PHE B 56 12.76 -2.99 -26.71
N SER B 57 12.77 -3.79 -27.78
CA SER B 57 12.16 -3.41 -29.04
C SER B 57 10.64 -3.50 -28.96
N LYS B 58 9.96 -3.22 -30.07
CA LYS B 58 8.51 -3.21 -30.10
C LYS B 58 7.98 -4.60 -29.75
N ASP B 59 8.64 -5.63 -30.25
CA ASP B 59 8.22 -7.00 -30.00
C ASP B 59 8.55 -7.49 -28.59
N TRP B 60 8.80 -6.55 -27.69
CA TRP B 60 9.03 -6.80 -26.25
C TRP B 60 10.29 -7.55 -25.91
N SER B 61 11.08 -7.87 -26.92
CA SER B 61 12.34 -8.59 -26.73
C SER B 61 13.45 -7.65 -26.28
N PHE B 62 14.15 -8.06 -25.21
CA PHE B 62 15.23 -7.26 -24.64
C PHE B 62 16.46 -7.19 -25.54
N TYR B 63 17.14 -6.05 -25.53
CA TYR B 63 18.43 -5.89 -26.20
C TYR B 63 19.40 -5.06 -25.38
N ILE B 64 20.69 -5.23 -25.67
CA ILE B 64 21.77 -4.53 -24.96
C ILE B 64 23.04 -4.49 -25.81
N LEU B 65 23.84 -3.45 -25.62
CA LEU B 65 25.10 -3.29 -26.33
C LEU B 65 26.27 -3.15 -25.36
N ALA B 66 27.23 -4.06 -25.48
CA ALA B 66 28.48 -3.99 -24.72
C ALA B 66 29.59 -3.59 -25.68
N HIS B 67 30.45 -2.66 -25.26
CA HIS B 67 31.54 -2.18 -26.10
C HIS B 67 32.78 -1.87 -25.32
N THR B 68 33.93 -2.10 -25.96
CA THR B 68 35.24 -1.82 -25.36
C THR B 68 36.24 -1.34 -26.39
N GLU B 69 37.22 -0.55 -25.95
CA GLU B 69 38.34 -0.14 -26.79
C GLU B 69 39.28 -1.32 -26.99
N PHE B 70 39.61 -1.62 -28.24
CA PHE B 70 40.49 -2.73 -28.56
C PHE B 70 41.40 -2.41 -29.75
N THR B 71 42.53 -3.10 -29.82
CA THR B 71 43.43 -3.02 -30.97
C THR B 71 43.51 -4.37 -31.68
N PRO B 72 42.97 -4.44 -32.91
CA PRO B 72 43.08 -5.66 -33.71
C PRO B 72 44.52 -5.94 -34.14
N THR B 73 44.96 -7.18 -33.99
CA THR B 73 46.28 -7.61 -34.46
C THR B 73 46.14 -8.91 -35.25
N GLU B 74 47.27 -9.40 -35.75
CA GLU B 74 47.30 -10.61 -36.58
C GLU B 74 47.04 -11.88 -35.78
N THR B 75 47.41 -11.87 -34.50
CA THR B 75 47.37 -13.09 -33.67
C THR B 75 46.33 -13.08 -32.55
N ASP B 76 45.98 -11.89 -32.04
CA ASP B 76 45.08 -11.77 -30.91
C ASP B 76 43.62 -12.07 -31.25
N THR B 77 42.90 -12.65 -30.29
CA THR B 77 41.50 -13.03 -30.47
C THR B 77 40.57 -12.28 -29.51
N TYR B 78 39.37 -11.97 -29.97
CA TYR B 78 38.37 -11.26 -29.18
C TYR B 78 37.01 -11.94 -29.26
N ALA B 79 36.34 -12.05 -28.12
CA ALA B 79 35.02 -12.67 -28.03
C ALA B 79 34.20 -12.08 -26.88
N CYS B 80 32.88 -12.23 -26.95
CA CYS B 80 32.03 -11.91 -25.80
C CYS B 80 31.22 -13.12 -25.34
N ARG B 81 31.24 -13.35 -24.03
CA ARG B 81 30.64 -14.53 -23.42
C ARG B 81 29.34 -14.15 -22.70
N VAL B 82 28.31 -14.98 -22.87
CA VAL B 82 26.98 -14.69 -22.34
C VAL B 82 26.49 -15.78 -21.37
N LYS B 83 26.26 -15.39 -20.12
CA LYS B 83 25.65 -16.27 -19.13
C LYS B 83 24.18 -15.89 -18.95
N HIS B 84 23.29 -16.76 -19.46
CA HIS B 84 21.86 -16.54 -19.40
C HIS B 84 21.13 -17.82 -19.14
N ALA B 85 20.12 -17.76 -18.29
CA ALA B 85 19.39 -18.94 -17.81
C ALA B 85 18.74 -19.80 -18.90
N SER B 86 18.55 -19.21 -20.09
CA SER B 86 17.98 -19.94 -21.23
C SER B 86 18.89 -21.06 -21.70
N MET B 87 20.17 -20.93 -21.38
CA MET B 87 21.19 -21.91 -21.76
C MET B 87 21.85 -22.47 -20.51
N ALA B 88 22.16 -23.76 -20.55
CA ALA B 88 22.85 -24.43 -19.44
C ALA B 88 24.32 -24.02 -19.40
N GLU B 89 24.91 -23.84 -20.59
CA GLU B 89 26.31 -23.46 -20.73
C GLU B 89 26.45 -22.05 -21.31
N PRO B 90 27.44 -21.27 -20.82
CA PRO B 90 27.71 -19.94 -21.37
C PRO B 90 28.08 -19.98 -22.85
N LYS B 91 27.40 -19.17 -23.65
CA LYS B 91 27.67 -19.09 -25.09
C LYS B 91 28.80 -18.10 -25.37
N THR B 92 29.73 -18.50 -26.23
CA THR B 92 30.87 -17.66 -26.60
C THR B 92 30.92 -17.47 -28.11
N VAL B 93 30.93 -16.20 -28.54
CA VAL B 93 30.96 -15.86 -29.96
C VAL B 93 32.21 -15.03 -30.28
N TYR B 94 33.04 -15.55 -31.18
CA TYR B 94 34.30 -14.91 -31.55
C TYR B 94 34.14 -13.86 -32.64
N TRP B 95 34.99 -12.84 -32.59
CA TRP B 95 35.02 -11.81 -33.62
C TRP B 95 35.70 -12.32 -34.85
N ASP B 96 34.95 -12.36 -35.95
CA ASP B 96 35.46 -12.77 -37.25
C ASP B 96 35.31 -11.61 -38.22
N ARG B 97 36.37 -10.80 -38.32
CA ARG B 97 36.38 -9.57 -39.11
C ARG B 97 35.94 -9.74 -40.57
N ASP B 98 35.96 -10.98 -41.05
CA ASP B 98 35.68 -11.28 -42.45
C ASP B 98 34.20 -11.49 -42.79
N MET B 99 33.42 -11.96 -41.83
CA MET B 99 31.99 -12.19 -42.05
C MET B 99 31.12 -11.22 -41.25
N THR C 1 5.42 7.91 14.64
CA THR C 1 4.23 7.46 13.84
C THR C 1 4.12 8.26 12.51
N GLN C 2 2.97 8.13 11.84
CA GLN C 2 2.74 8.84 10.58
C GLN C 2 1.47 9.70 10.59
N VAL C 3 0.54 9.37 11.49
CA VAL C 3 -0.71 10.12 11.64
C VAL C 3 -0.85 10.62 13.08
N GLU C 4 -0.74 11.93 13.27
CA GLU C 4 -0.88 12.54 14.59
C GLU C 4 -2.25 13.20 14.76
N GLN C 5 -2.91 12.89 15.87
CA GLN C 5 -4.16 13.54 16.26
C GLN C 5 -3.95 14.40 17.49
N SER C 6 -4.54 15.60 17.47
CA SER C 6 -4.40 16.54 18.58
C SER C 6 -5.72 17.27 18.88
N PRO C 7 -6.04 17.47 20.17
CA PRO C 7 -5.27 17.03 21.34
C PRO C 7 -5.53 15.55 21.66
N GLN C 8 -4.91 15.06 22.74
CA GLN C 8 -5.11 13.68 23.18
C GLN C 8 -6.47 13.54 23.85
N SER C 9 -6.82 14.56 24.65
CA SER C 9 -8.09 14.60 25.36
C SER C 9 -8.73 15.98 25.24
N LEU C 10 -10.01 16.01 24.93
CA LEU C 10 -10.75 17.26 24.76
C LEU C 10 -12.02 17.29 25.62
N VAL C 11 -12.28 18.46 26.22
CA VAL C 11 -13.49 18.66 27.03
C VAL C 11 -14.26 19.89 26.58
N VAL C 12 -15.58 19.72 26.40
CA VAL C 12 -16.47 20.82 26.01
C VAL C 12 -17.76 20.76 26.81
N ARG C 13 -18.40 21.91 26.98
CA ARG C 13 -19.70 21.98 27.64
C ARG C 13 -20.76 21.37 26.73
N GLN C 14 -21.74 20.71 27.34
CA GLN C 14 -22.85 20.11 26.60
C GLN C 14 -23.70 21.17 25.91
N GLY C 15 -23.59 21.22 24.59
CA GLY C 15 -24.30 22.22 23.77
C GLY C 15 -23.37 23.03 22.88
N GLU C 16 -22.10 23.08 23.26
CA GLU C 16 -21.08 23.83 22.50
C GLU C 16 -20.65 23.10 21.23
N ASN C 17 -19.68 23.70 20.52
CA ASN C 17 -19.03 23.06 19.39
C ASN C 17 -17.62 22.62 19.76
N SER C 18 -17.19 21.48 19.23
CA SER C 18 -15.85 20.95 19.49
C SER C 18 -15.09 20.68 18.20
N VAL C 19 -13.78 20.92 18.24
CA VAL C 19 -12.92 20.80 17.07
C VAL C 19 -11.83 19.76 17.31
N LEU C 20 -11.69 18.82 16.38
CA LEU C 20 -10.69 17.76 16.46
C LEU C 20 -9.73 17.82 15.28
N GLN C 21 -8.43 17.72 15.56
CA GLN C 21 -7.40 17.90 14.54
C GLN C 21 -6.69 16.60 14.17
N CYS C 22 -6.19 16.54 12.94
CA CYS C 22 -5.47 15.39 12.42
C CYS C 22 -4.44 15.81 11.36
N ASN C 23 -3.17 15.57 11.67
CA ASN C 23 -2.08 15.77 10.70
C ASN C 23 -1.43 14.45 10.32
N TYR C 24 -0.96 14.35 9.08
CA TYR C 24 -0.35 13.12 8.59
C TYR C 24 0.89 13.34 7.70
N SER C 25 1.56 12.23 7.37
CA SER C 25 2.76 12.26 6.54
C SER C 25 2.66 11.28 5.37
N VAL C 26 1.70 10.35 5.47
CA VAL C 26 1.55 9.23 4.54
C VAL C 26 1.42 9.63 3.06
N THR C 27 2.07 8.87 2.19
CA THR C 27 2.06 9.11 0.74
C THR C 27 1.98 7.81 -0.06
N PRO C 28 1.11 7.78 -1.10
CA PRO C 28 0.14 8.83 -1.43
C PRO C 28 -1.01 8.90 -0.43
N ASP C 29 -1.83 9.93 -0.55
CA ASP C 29 -2.93 10.19 0.39
C ASP C 29 -4.27 10.20 -0.34
N ASN C 30 -4.73 9.02 -0.74
CA ASN C 30 -5.95 8.88 -1.53
C ASN C 30 -7.19 9.45 -0.83
N HIS C 31 -7.40 9.07 0.43
CA HIS C 31 -8.57 9.50 1.19
C HIS C 31 -8.31 9.51 2.67
N LEU C 32 -9.09 10.33 3.38
CA LEU C 32 -9.03 10.41 4.84
C LEU C 32 -10.44 10.24 5.41
N ARG C 33 -10.55 9.49 6.50
CA ARG C 33 -11.85 9.23 7.12
C ARG C 33 -11.81 9.26 8.65
N TRP C 34 -12.98 9.50 9.25
CA TRP C 34 -13.12 9.61 10.70
C TRP C 34 -13.98 8.51 11.26
N PHE C 35 -13.55 7.98 12.42
CA PHE C 35 -14.29 6.91 13.10
C PHE C 35 -14.63 7.30 14.54
N LYS C 36 -15.81 6.88 14.98
CA LYS C 36 -16.21 7.02 16.37
C LYS C 36 -16.18 5.65 17.05
N GLN C 37 -15.49 5.58 18.17
CA GLN C 37 -15.42 4.35 18.97
C GLN C 37 -15.79 4.62 20.41
N ASP C 38 -16.92 4.05 20.84
CA ASP C 38 -17.34 4.08 22.23
C ASP C 38 -16.49 3.11 23.04
N THR C 39 -16.50 3.26 24.37
CA THR C 39 -15.76 2.37 25.27
C THR C 39 -16.29 0.94 25.19
N GLY C 40 -15.39 0.00 24.93
CA GLY C 40 -15.75 -1.41 24.76
C GLY C 40 -16.63 -1.66 23.56
N LYS C 41 -16.35 -0.95 22.47
CA LYS C 41 -17.15 -1.00 21.25
C LYS C 41 -16.28 -0.95 19.99
N GLY C 42 -16.92 -1.13 18.84
CA GLY C 42 -16.24 -1.08 17.55
C GLY C 42 -16.13 0.32 16.99
N LEU C 43 -15.65 0.40 15.75
CA LEU C 43 -15.47 1.68 15.07
C LEU C 43 -16.63 1.95 14.12
N VAL C 44 -17.21 3.14 14.24
CA VAL C 44 -18.35 3.55 13.41
C VAL C 44 -17.93 4.70 12.49
N SER C 45 -18.16 4.52 11.18
CA SER C 45 -17.76 5.51 10.18
C SER C 45 -18.65 6.75 10.23
N LEU C 46 -18.01 7.91 10.24
CA LEU C 46 -18.70 9.19 10.31
C LEU C 46 -18.68 9.91 8.96
N THR C 47 -17.48 10.07 8.41
CA THR C 47 -17.29 10.81 7.16
C THR C 47 -16.07 10.31 6.38
N VAL C 48 -16.16 10.34 5.06
CA VAL C 48 -15.06 9.95 4.18
C VAL C 48 -14.76 11.08 3.21
N LEU C 49 -13.53 11.60 3.28
CA LEU C 49 -13.09 12.72 2.46
C LEU C 49 -12.11 12.26 1.38
N VAL C 50 -12.38 12.63 0.13
CA VAL C 50 -11.64 12.10 -1.02
C VAL C 50 -10.84 13.17 -1.77
N ASP C 51 -11.44 14.34 -1.97
CA ASP C 51 -10.87 15.37 -2.84
C ASP C 51 -9.69 16.15 -2.24
N GLN C 52 -9.01 16.91 -3.10
CA GLN C 52 -7.85 17.73 -2.72
C GLN C 52 -8.19 18.68 -1.58
N LYS C 53 -9.21 19.51 -1.80
CA LYS C 53 -9.85 20.27 -0.74
C LYS C 53 -11.30 19.80 -0.69
N ASP C 54 -11.65 19.13 0.41
CA ASP C 54 -12.95 18.47 0.49
C ASP C 54 -13.71 18.82 1.77
N LYS C 55 -15.03 18.89 1.64
CA LYS C 55 -15.92 19.15 2.78
C LYS C 55 -17.09 18.16 2.77
N THR C 56 -17.24 17.44 3.87
CA THR C 56 -18.34 16.48 4.01
C THR C 56 -18.98 16.62 5.39
N SER C 57 -20.31 16.60 5.41
CA SER C 57 -21.07 16.67 6.66
C SER C 57 -22.08 15.53 6.74
N ASN C 58 -22.11 14.87 7.90
CA ASN C 58 -23.03 13.77 8.16
C ASN C 58 -23.69 13.96 9.51
N GLY C 59 -24.94 14.40 9.49
CA GLY C 59 -25.67 14.74 10.71
C GLY C 59 -25.03 15.93 11.41
N ARG C 60 -24.63 15.71 12.66
CA ARG C 60 -23.97 16.75 13.44
C ARG C 60 -22.46 16.73 13.28
N TYR C 61 -21.94 15.64 12.70
CA TYR C 61 -20.53 15.54 12.38
C TYR C 61 -20.24 16.20 11.03
N SER C 62 -19.13 16.94 10.96
CA SER C 62 -18.68 17.57 9.73
C SER C 62 -17.15 17.60 9.70
N ALA C 63 -16.59 17.53 8.50
CA ALA C 63 -15.13 17.49 8.35
C ALA C 63 -14.62 18.25 7.12
N THR C 64 -13.39 18.73 7.21
CA THR C 64 -12.73 19.41 6.09
C THR C 64 -11.34 18.82 5.88
N LEU C 65 -11.05 18.41 4.64
CA LEU C 65 -9.75 17.86 4.30
C LEU C 65 -8.90 18.83 3.48
N ASP C 66 -7.67 19.03 3.93
CA ASP C 66 -6.68 19.80 3.20
C ASP C 66 -5.47 18.93 2.89
N LYS C 67 -5.43 18.41 1.66
CA LYS C 67 -4.40 17.46 1.25
C LYS C 67 -3.02 18.10 1.11
N ASP C 68 -3.00 19.37 0.70
CA ASP C 68 -1.76 20.13 0.55
C ASP C 68 -1.05 20.35 1.88
N ALA C 69 -1.85 20.66 2.91
CA ALA C 69 -1.33 20.89 4.26
C ALA C 69 -1.19 19.57 5.03
N LYS C 70 -1.64 18.48 4.42
CA LYS C 70 -1.69 17.15 5.07
C LYS C 70 -2.40 17.27 6.42
N HIS C 71 -3.56 17.92 6.39
CA HIS C 71 -4.27 18.34 7.59
C HIS C 71 -5.76 18.20 7.43
N SER C 72 -6.41 17.70 8.47
CA SER C 72 -7.86 17.52 8.48
C SER C 72 -8.48 17.93 9.82
N THR C 73 -9.76 18.32 9.79
CA THR C 73 -10.47 18.79 10.97
C THR C 73 -11.88 18.20 11.04
N LEU C 74 -12.23 17.68 12.22
CA LEU C 74 -13.59 17.21 12.48
C LEU C 74 -14.33 18.16 13.43
N HIS C 75 -15.54 18.53 13.04
CA HIS C 75 -16.40 19.39 13.85
C HIS C 75 -17.60 18.63 14.35
N ILE C 76 -17.95 18.85 15.62
CA ILE C 76 -19.19 18.33 16.18
C ILE C 76 -20.08 19.51 16.60
N THR C 77 -21.22 19.65 15.93
CA THR C 77 -22.16 20.75 16.18
C THR C 77 -23.16 20.35 17.25
N ALA C 78 -23.38 21.25 18.22
CA ALA C 78 -24.27 21.03 19.35
C ALA C 78 -23.95 19.73 20.08
N THR C 79 -22.82 19.73 20.79
CA THR C 79 -22.30 18.55 21.48
C THR C 79 -23.30 17.97 22.48
N LEU C 80 -23.46 16.64 22.43
CA LEU C 80 -24.34 15.92 23.35
C LEU C 80 -23.52 15.03 24.29
N LEU C 81 -24.20 14.41 25.26
CA LEU C 81 -23.57 13.47 26.18
C LEU C 81 -23.18 12.17 25.47
N ASP C 82 -23.89 11.85 24.40
CA ASP C 82 -23.66 10.63 23.62
C ASP C 82 -22.36 10.67 22.81
N ASP C 83 -21.72 11.83 22.80
CA ASP C 83 -20.46 12.02 22.06
C ASP C 83 -19.23 11.90 22.96
N THR C 84 -19.41 11.29 24.13
CA THR C 84 -18.32 11.07 25.07
C THR C 84 -17.56 9.79 24.70
N ALA C 85 -16.92 9.80 23.54
CA ALA C 85 -16.23 8.64 23.01
C ALA C 85 -14.82 8.99 22.52
N THR C 86 -14.18 8.03 21.86
CA THR C 86 -12.87 8.24 21.23
C THR C 86 -13.07 8.47 19.74
N TYR C 87 -12.31 9.41 19.17
CA TYR C 87 -12.41 9.73 17.76
C TYR C 87 -11.10 9.46 17.02
N ILE C 88 -11.18 8.59 16.02
CA ILE C 88 -10.00 8.08 15.32
C ILE C 88 -9.94 8.59 13.87
N CYS C 89 -8.77 9.10 13.49
CA CYS C 89 -8.51 9.61 12.14
C CYS C 89 -7.65 8.63 11.35
N VAL C 90 -8.20 8.11 10.26
CA VAL C 90 -7.53 7.08 9.45
C VAL C 90 -7.30 7.58 8.01
N VAL C 91 -6.15 7.24 7.45
CA VAL C 91 -5.81 7.59 6.07
C VAL C 91 -5.52 6.35 5.24
N GLY C 92 -6.15 6.26 4.07
CA GLY C 92 -5.88 5.19 3.11
C GLY C 92 -4.92 5.66 2.03
N ASP C 93 -3.87 4.90 1.79
CA ASP C 93 -2.80 5.32 0.89
C ASP C 93 -3.02 5.01 -0.60
N ARG C 94 -4.10 4.29 -0.92
CA ARG C 94 -4.44 3.99 -2.32
C ARG C 94 -5.95 3.97 -2.58
N GLY C 95 -6.33 4.17 -3.84
CA GLY C 95 -7.72 4.22 -4.25
C GLY C 95 -8.30 2.88 -4.67
N SER C 96 -7.56 1.81 -4.39
CA SER C 96 -8.00 0.45 -4.68
C SER C 96 -7.82 -0.43 -3.45
N ALA C 97 -8.38 -1.64 -3.49
CA ALA C 97 -8.31 -2.59 -2.38
C ALA C 97 -6.88 -3.00 -2.02
N LEU C 98 -5.93 -2.62 -2.86
CA LEU C 98 -4.52 -2.92 -2.64
C LEU C 98 -3.88 -2.01 -1.59
N GLY C 99 -4.53 -0.88 -1.30
CA GLY C 99 -4.01 0.09 -0.34
C GLY C 99 -4.15 -0.33 1.11
N ARG C 100 -3.35 0.30 1.98
CA ARG C 100 -3.34 0.02 3.41
C ARG C 100 -3.80 1.25 4.20
N LEU C 101 -4.52 1.02 5.29
CA LEU C 101 -4.99 2.10 6.16
C LEU C 101 -3.96 2.44 7.23
N HIS C 102 -3.91 3.72 7.60
CA HIS C 102 -2.99 4.20 8.62
C HIS C 102 -3.75 4.87 9.72
N PHE C 103 -3.71 4.27 10.90
CA PHE C 103 -4.57 4.64 12.01
C PHE C 103 -3.92 5.62 12.99
N GLY C 104 -4.63 6.71 13.27
CA GLY C 104 -4.22 7.67 14.28
C GLY C 104 -4.46 7.13 15.68
N ALA C 105 -3.74 7.68 16.66
CA ALA C 105 -3.81 7.22 18.05
C ALA C 105 -5.19 7.41 18.68
N GLY C 106 -5.90 8.45 18.25
CA GLY C 106 -7.24 8.73 18.73
C GLY C 106 -7.34 9.89 19.69
N THR C 107 -8.55 10.44 19.82
CA THR C 107 -8.81 11.56 20.72
C THR C 107 -10.04 11.28 21.59
N GLN C 108 -9.81 11.23 22.90
CA GLN C 108 -10.92 11.09 23.85
C GLN C 108 -11.63 12.41 24.05
N LEU C 109 -12.93 12.44 23.75
CA LEU C 109 -13.76 13.60 24.01
C LEU C 109 -14.66 13.33 25.21
N ILE C 110 -14.55 14.20 26.23
CA ILE C 110 -15.37 14.08 27.43
C ILE C 110 -16.31 15.28 27.53
N VAL C 111 -17.59 15.01 27.69
CA VAL C 111 -18.62 16.06 27.65
C VAL C 111 -19.12 16.43 29.05
N ILE C 112 -18.89 17.69 29.42
CA ILE C 112 -19.33 18.22 30.71
C ILE C 112 -20.79 18.68 30.61
N PRO C 113 -21.65 18.20 31.53
CA PRO C 113 -23.07 18.54 31.48
C PRO C 113 -23.37 19.99 31.88
N ASP C 114 -24.39 20.57 31.25
CA ASP C 114 -24.85 21.90 31.60
C ASP C 114 -26.06 21.82 32.53
N ILE C 115 -25.81 22.05 33.82
CA ILE C 115 -26.86 22.03 34.83
C ILE C 115 -27.22 23.45 35.26
N GLN C 116 -28.52 23.77 35.19
CA GLN C 116 -29.01 25.11 35.53
C GLN C 116 -29.64 25.20 36.91
N ASN C 117 -29.78 24.06 37.57
CA ASN C 117 -30.31 24.00 38.94
C ASN C 117 -29.39 23.21 39.88
N PRO C 118 -28.27 23.82 40.32
CA PRO C 118 -27.36 23.14 41.25
C PRO C 118 -27.96 23.09 42.65
N ASP C 119 -28.29 21.88 43.10
CA ASP C 119 -28.91 21.67 44.40
C ASP C 119 -28.21 20.56 45.19
N PRO C 120 -26.94 20.81 45.61
CA PRO C 120 -26.13 19.76 46.23
C PRO C 120 -26.80 19.14 47.46
N ALA C 121 -27.05 17.84 47.40
CA ALA C 121 -27.73 17.12 48.49
C ALA C 121 -27.27 15.67 48.59
N VAL C 122 -26.73 15.32 49.76
CA VAL C 122 -26.24 13.98 50.05
C VAL C 122 -27.32 13.18 50.79
N TYR C 123 -27.61 11.98 50.29
CA TYR C 123 -28.66 11.13 50.86
C TYR C 123 -28.12 9.77 51.34
N GLN C 124 -29.00 8.98 51.95
CA GLN C 124 -28.67 7.62 52.40
C GLN C 124 -29.60 6.55 51.85
N LEU C 125 -29.02 5.40 51.53
CA LEU C 125 -29.76 4.26 51.00
C LEU C 125 -29.28 2.98 51.69
N ARG C 126 -30.16 2.35 52.46
CA ARG C 126 -29.79 1.22 53.32
C ARG C 126 -30.86 0.13 53.41
N ASP C 127 -30.46 -1.14 53.55
CA ASP C 127 -29.05 -1.57 53.52
C ASP C 127 -28.45 -1.55 52.12
N SER C 128 -29.11 -2.10 51.10
CA SER C 128 -30.42 -2.76 51.21
C SER C 128 -30.35 -4.16 50.57
N LYS C 129 -31.33 -5.03 50.82
CA LYS C 129 -32.50 -4.73 51.66
C LYS C 129 -32.56 -5.61 52.91
N SER C 130 -31.40 -6.04 53.38
CA SER C 130 -31.30 -6.88 54.57
C SER C 130 -30.00 -6.60 55.33
N CYS C 136 -24.74 5.61 50.25
CA CYS C 136 -24.69 7.06 50.34
C CYS C 136 -24.55 7.72 48.97
N LEU C 137 -25.58 8.45 48.58
CA LEU C 137 -25.59 9.18 47.30
C LEU C 137 -24.94 10.56 47.40
N PHE C 138 -24.84 11.22 46.25
CA PHE C 138 -24.39 12.61 46.15
C PHE C 138 -24.96 13.17 44.85
N THR C 139 -26.15 13.76 44.94
CA THR C 139 -26.91 14.15 43.74
C THR C 139 -26.98 15.67 43.55
N ASP C 140 -27.37 16.09 42.34
CA ASP C 140 -27.53 17.49 41.94
C ASP C 140 -26.24 18.30 42.13
N PHE C 141 -25.11 17.59 42.08
CA PHE C 141 -23.78 18.15 42.28
C PHE C 141 -23.37 19.05 41.12
N ASP C 142 -22.65 20.12 41.44
CA ASP C 142 -22.25 21.15 40.48
C ASP C 142 -21.26 20.65 39.43
N SER C 143 -21.28 21.29 38.27
CA SER C 143 -20.31 21.03 37.21
C SER C 143 -18.96 21.67 37.54
N GLN C 144 -17.95 21.39 36.71
CA GLN C 144 -16.60 21.95 36.84
C GLN C 144 -15.80 21.39 38.02
N THR C 145 -16.36 21.52 39.22
CA THR C 145 -15.77 20.90 40.42
C THR C 145 -15.94 19.39 40.37
N ASN C 146 -15.02 18.67 41.02
CA ASN C 146 -14.95 17.21 40.92
C ASN C 146 -14.50 16.55 42.22
N VAL C 147 -14.84 15.27 42.38
CA VAL C 147 -14.44 14.51 43.56
C VAL C 147 -13.30 13.54 43.23
N SER C 148 -12.14 13.79 43.82
CA SER C 148 -10.99 12.91 43.68
C SER C 148 -11.20 11.65 44.51
N GLN C 149 -10.67 10.53 44.02
CA GLN C 149 -10.75 9.26 44.74
C GLN C 149 -10.11 9.38 46.12
N SER C 150 -10.84 8.98 47.15
CA SER C 150 -10.38 9.08 48.53
C SER C 150 -9.15 8.20 48.77
N LYS C 151 -8.19 8.74 49.51
CA LYS C 151 -6.96 8.02 49.85
C LYS C 151 -7.22 7.03 50.99
N ASP C 152 -8.18 6.14 50.77
CA ASP C 152 -8.60 5.15 51.75
C ASP C 152 -8.86 3.78 51.11
N SER C 153 -8.72 2.73 51.91
CA SER C 153 -9.00 1.37 51.47
C SER C 153 -10.18 0.76 52.23
N ASP C 154 -10.70 1.51 53.20
CA ASP C 154 -11.83 1.06 54.02
C ASP C 154 -13.15 1.43 53.35
N VAL C 155 -13.38 2.73 53.18
CA VAL C 155 -14.57 3.25 52.52
C VAL C 155 -14.31 3.31 51.01
N TYR C 156 -15.29 2.87 50.23
CA TYR C 156 -15.20 2.88 48.77
C TYR C 156 -16.07 3.96 48.15
N ILE C 157 -15.45 4.83 47.35
CA ILE C 157 -16.14 5.94 46.68
C ILE C 157 -15.78 5.96 45.19
N THR C 158 -16.81 5.99 44.35
CA THR C 158 -16.63 6.04 42.89
C THR C 158 -16.36 7.46 42.40
N ASP C 159 -16.16 7.59 41.09
CA ASP C 159 -16.04 8.89 40.44
C ASP C 159 -17.41 9.36 39.93
N LYS C 160 -17.53 10.65 39.65
CA LYS C 160 -18.81 11.27 39.27
C LYS C 160 -19.44 10.68 38.00
N CYS C 161 -20.77 10.72 37.95
CA CYS C 161 -21.56 10.11 36.87
C CYS C 161 -22.67 11.05 36.44
N VAL C 162 -22.88 11.16 35.12
CA VAL C 162 -23.90 12.05 34.56
C VAL C 162 -25.08 11.27 33.98
N LEU C 163 -26.22 11.31 34.67
CA LEU C 163 -27.44 10.70 34.17
C LEU C 163 -28.38 11.73 33.54
N ASP C 164 -29.28 11.26 32.68
CA ASP C 164 -30.19 12.15 31.95
C ASP C 164 -31.54 11.48 31.67
N MET C 165 -32.59 12.08 32.20
CA MET C 165 -33.97 11.68 31.89
C MET C 165 -34.37 12.34 30.57
N ARG C 166 -34.93 11.54 29.66
CA ARG C 166 -35.26 12.01 28.32
C ARG C 166 -36.43 13.00 28.32
N SER C 167 -37.55 12.57 28.91
CA SER C 167 -38.80 13.33 28.88
C SER C 167 -38.75 14.62 29.73
N MET C 168 -38.21 14.50 30.93
CA MET C 168 -38.23 15.60 31.90
C MET C 168 -37.08 16.62 31.73
N ASP C 169 -36.23 16.39 30.72
CA ASP C 169 -35.17 17.34 30.33
C ASP C 169 -34.20 17.69 31.47
N PHE C 170 -33.95 16.71 32.34
CA PHE C 170 -33.12 16.94 33.53
C PHE C 170 -31.81 16.15 33.49
N LYS C 171 -30.74 16.80 33.93
CA LYS C 171 -29.41 16.19 34.03
C LYS C 171 -28.79 16.48 35.40
N SER C 172 -27.90 15.60 35.86
CA SER C 172 -27.25 15.76 37.16
C SER C 172 -25.98 14.92 37.33
N ASN C 173 -25.03 15.45 38.10
CA ASN C 173 -23.83 14.72 38.50
C ASN C 173 -24.11 13.90 39.76
N SER C 174 -23.49 12.73 39.86
CA SER C 174 -23.70 11.85 41.01
C SER C 174 -22.48 11.00 41.37
N ALA C 175 -22.15 10.98 42.66
CA ALA C 175 -21.09 10.14 43.20
C ALA C 175 -21.65 9.27 44.31
N VAL C 176 -21.17 8.03 44.40
CA VAL C 176 -21.68 7.09 45.39
C VAL C 176 -20.62 6.71 46.45
N ALA C 177 -21.09 6.43 47.67
CA ALA C 177 -20.21 6.05 48.77
C ALA C 177 -20.76 4.87 49.56
N TRP C 178 -19.89 3.90 49.83
CA TRP C 178 -20.21 2.75 50.66
C TRP C 178 -18.99 2.26 51.38
N SER C 179 -19.17 1.55 52.49
CA SER C 179 -18.06 0.98 53.24
C SER C 179 -18.38 -0.42 53.75
N CYS C 186 -22.45 8.91 57.37
CA CYS C 186 -22.47 9.18 55.94
C CYS C 186 -21.73 10.47 55.59
N ALA C 187 -21.93 11.49 56.43
CA ALA C 187 -21.34 12.82 56.22
C ALA C 187 -19.81 12.82 56.33
N ASN C 188 -19.25 11.74 56.86
CA ASN C 188 -17.80 11.59 57.01
C ASN C 188 -17.07 11.35 55.68
N ALA C 189 -17.82 10.93 54.67
CA ALA C 189 -17.27 10.66 53.33
C ALA C 189 -17.11 11.93 52.50
N PHE C 190 -16.67 11.76 51.25
CA PHE C 190 -16.44 12.87 50.30
C PHE C 190 -15.54 13.95 50.88
N ASN C 191 -14.25 13.64 51.01
CA ASN C 191 -13.30 14.54 51.66
C ASN C 191 -11.87 14.49 51.11
N ASN C 192 -11.73 14.79 49.83
CA ASN C 192 -10.41 14.86 49.19
C ASN C 192 -10.32 16.04 48.22
N SER C 193 -11.47 16.64 47.91
CA SER C 193 -11.54 17.75 46.97
C SER C 193 -12.44 18.88 47.51
N ILE C 194 -12.59 19.95 46.71
CA ILE C 194 -13.43 21.09 47.07
C ILE C 194 -14.91 20.68 47.10
N ILE C 195 -15.57 21.02 48.21
CA ILE C 195 -16.97 20.65 48.43
C ILE C 195 -17.85 21.91 48.50
N PRO C 196 -19.01 21.88 47.82
CA PRO C 196 -20.03 22.94 47.94
C PRO C 196 -20.49 23.13 49.38
N GLU C 197 -20.91 24.36 49.71
CA GLU C 197 -21.23 24.73 51.09
C GLU C 197 -22.66 24.32 51.51
N ASP C 198 -23.64 24.68 50.69
CA ASP C 198 -25.04 24.39 50.99
C ASP C 198 -25.45 22.96 50.61
N THR C 199 -24.93 22.00 51.37
CA THR C 199 -25.19 20.59 51.11
C THR C 199 -25.99 19.94 52.25
N PHE C 200 -27.12 19.35 51.89
CA PHE C 200 -27.96 18.63 52.85
C PHE C 200 -27.20 17.43 53.43
N GLY D 3 -26.10 -4.35 3.75
CA GLY D 3 -27.05 -5.34 4.34
C GLY D 3 -26.34 -6.46 5.07
N GLY D 4 -26.27 -6.35 6.39
CA GLY D 4 -25.60 -7.34 7.23
C GLY D 4 -24.74 -6.70 8.31
N ILE D 5 -24.08 -7.55 9.10
CA ILE D 5 -23.23 -7.11 10.20
C ILE D 5 -21.95 -7.94 10.31
N ILE D 6 -20.86 -7.30 10.72
CA ILE D 6 -19.59 -7.99 10.95
C ILE D 6 -19.47 -8.32 12.44
N THR D 7 -19.60 -9.61 12.76
CA THR D 7 -19.60 -10.07 14.15
C THR D 7 -18.35 -10.88 14.52
N GLN D 8 -17.83 -10.64 15.72
CA GLN D 8 -16.69 -11.39 16.24
C GLN D 8 -16.95 -11.96 17.63
N THR D 9 -16.71 -13.26 17.76
CA THR D 9 -16.92 -13.98 19.02
C THR D 9 -15.60 -14.62 19.50
N PRO D 10 -15.38 -14.65 20.82
CA PRO D 10 -16.24 -14.13 21.90
C PRO D 10 -16.09 -12.63 22.09
N LYS D 11 -17.00 -12.03 22.86
CA LYS D 11 -16.90 -10.62 23.22
C LYS D 11 -15.80 -10.41 24.26
N PHE D 12 -15.81 -11.27 25.29
CA PHE D 12 -14.78 -11.26 26.32
C PHE D 12 -14.12 -12.62 26.42
N LEU D 13 -12.81 -12.63 26.69
CA LEU D 13 -12.04 -13.86 26.73
C LEU D 13 -11.11 -13.94 27.94
N ILE D 14 -11.23 -15.03 28.70
CA ILE D 14 -10.38 -15.28 29.85
C ILE D 14 -9.32 -16.32 29.50
N GLY D 15 -8.05 -15.90 29.52
CA GLY D 15 -6.95 -16.76 29.16
C GLY D 15 -5.94 -16.96 30.28
N GLN D 16 -4.94 -17.79 29.99
CA GLN D 16 -3.86 -18.08 30.95
C GLN D 16 -2.50 -17.97 30.25
N GLU D 17 -1.43 -17.83 31.05
CA GLU D 17 -0.08 -17.68 30.51
C GLU D 17 0.35 -18.91 29.72
N GLY D 18 0.68 -18.69 28.46
CA GLY D 18 1.09 -19.78 27.57
C GLY D 18 -0.06 -20.51 26.90
N GLN D 19 -1.28 -20.20 27.32
CA GLN D 19 -2.48 -20.84 26.78
C GLN D 19 -2.77 -20.39 25.35
N LYS D 20 -3.04 -21.35 24.48
CA LYS D 20 -3.38 -21.10 23.08
C LYS D 20 -4.82 -20.59 22.97
N LEU D 21 -4.97 -19.41 22.37
CA LEU D 21 -6.27 -18.72 22.30
C LEU D 21 -6.73 -18.50 20.86
N THR D 22 -8.03 -18.64 20.63
CA THR D 22 -8.62 -18.52 19.29
C THR D 22 -9.79 -17.53 19.27
N LEU D 23 -9.78 -16.66 18.25
CA LEU D 23 -10.85 -15.68 18.03
C LEU D 23 -11.47 -15.86 16.65
N LYS D 24 -12.80 -15.85 16.58
CA LYS D 24 -13.52 -16.06 15.33
C LYS D 24 -14.26 -14.82 14.84
N CYS D 25 -14.48 -14.74 13.53
CA CYS D 25 -15.12 -13.59 12.91
C CYS D 25 -15.97 -13.97 11.69
N GLN D 26 -17.29 -13.91 11.86
CA GLN D 26 -18.25 -14.17 10.78
C GLN D 26 -18.74 -12.85 10.19
N GLN D 27 -19.08 -12.87 8.90
CA GLN D 27 -19.41 -11.64 8.17
C GLN D 27 -20.34 -11.88 6.97
N ASN D 28 -21.44 -11.13 6.92
CA ASN D 28 -22.52 -11.35 5.94
C ASN D 28 -22.26 -10.72 4.57
N PHE D 29 -21.65 -9.54 4.55
CA PHE D 29 -21.33 -8.85 3.29
C PHE D 29 -20.49 -9.78 2.42
N ASN D 30 -20.60 -9.61 1.09
CA ASN D 30 -19.85 -10.46 0.19
C ASN D 30 -18.40 -9.95 0.02
N HIS D 31 -17.77 -9.64 1.15
CA HIS D 31 -16.42 -9.08 1.18
C HIS D 31 -15.37 -10.15 1.09
N ASP D 32 -14.39 -9.92 0.23
CA ASP D 32 -13.28 -10.85 0.03
C ASP D 32 -12.16 -10.59 1.03
N THR D 33 -11.88 -9.31 1.30
CA THR D 33 -10.80 -8.93 2.21
C THR D 33 -11.29 -8.88 3.66
N MET D 34 -10.50 -9.45 4.57
CA MET D 34 -10.78 -9.43 6.00
C MET D 34 -9.50 -9.22 6.80
N TYR D 35 -9.60 -8.48 7.91
CA TYR D 35 -8.43 -8.04 8.68
C TYR D 35 -8.53 -8.38 10.17
N TRP D 36 -7.39 -8.39 10.84
CA TRP D 36 -7.32 -8.48 12.31
C TRP D 36 -6.39 -7.42 12.84
N TYR D 37 -6.92 -6.58 13.73
CA TYR D 37 -6.15 -5.51 14.35
C TYR D 37 -6.02 -5.71 15.86
N ARG D 38 -5.00 -5.10 16.44
CA ARG D 38 -4.91 -4.97 17.90
C ARG D 38 -4.77 -3.50 18.28
N GLN D 39 -5.69 -3.04 19.12
CA GLN D 39 -5.67 -1.66 19.61
C GLN D 39 -4.99 -1.60 20.97
N ASP D 40 -3.78 -1.05 20.98
CA ASP D 40 -3.05 -0.80 22.22
C ASP D 40 -3.42 0.58 22.76
N SER D 41 -3.56 0.67 24.08
CA SER D 41 -4.01 1.90 24.74
C SER D 41 -3.06 3.07 24.45
N GLY D 42 -3.56 4.06 23.72
CA GLY D 42 -2.73 5.19 23.39
C GLY D 42 -1.87 4.92 22.20
N LYS D 43 -2.17 3.86 21.48
CA LYS D 43 -1.48 3.56 20.24
C LYS D 43 -2.53 3.33 19.19
N GLY D 44 -2.18 3.52 17.94
CA GLY D 44 -3.12 3.32 16.86
C GLY D 44 -3.33 1.86 16.57
N LEU D 45 -4.32 1.50 15.80
CA LEU D 45 -4.47 0.10 15.44
C LEU D 45 -3.30 -0.37 14.63
N ARG D 46 -2.90 -1.59 14.90
CA ARG D 46 -1.81 -2.25 14.18
C ARG D 46 -2.35 -3.54 13.55
N LEU D 47 -2.01 -3.76 12.27
CA LEU D 47 -2.49 -4.93 11.56
C LEU D 47 -1.71 -6.20 11.94
N ILE D 48 -2.44 -7.28 12.16
CA ILE D 48 -1.84 -8.57 12.53
C ILE D 48 -1.80 -9.51 11.33
N TYR D 49 -2.97 -9.89 10.84
CA TYR D 49 -3.11 -10.74 9.66
C TYR D 49 -4.30 -10.29 8.82
N TYR D 50 -4.20 -10.46 7.52
CA TYR D 50 -5.32 -10.20 6.61
C TYR D 50 -5.45 -11.27 5.53
N SER D 51 -6.58 -11.26 4.83
CA SER D 51 -6.91 -12.31 3.86
C SER D 51 -7.67 -11.77 2.66
N TYR D 52 -7.60 -12.48 1.55
CA TYR D 52 -8.37 -12.16 0.35
C TYR D 52 -9.42 -13.23 0.05
N GLY D 53 -9.46 -14.26 0.91
CA GLY D 53 -10.38 -15.38 0.77
C GLY D 53 -9.72 -16.66 1.22
N ALA D 54 -10.17 -17.77 0.64
CA ALA D 54 -9.60 -19.10 0.91
C ALA D 54 -9.45 -19.37 2.42
N GLY D 55 -8.25 -19.72 2.94
CA GLY D 55 -7.05 -20.01 2.16
C GLY D 55 -5.92 -18.99 2.28
N SER D 56 -6.28 -17.71 2.24
CA SER D 56 -5.29 -16.63 2.22
C SER D 56 -5.03 -16.06 3.61
N THR D 57 -3.75 -15.99 3.98
CA THR D 57 -3.33 -15.40 5.25
C THR D 57 -2.02 -14.64 5.06
N GLU D 58 -2.11 -13.33 4.91
CA GLU D 58 -0.94 -12.48 4.71
C GLU D 58 -0.57 -11.76 6.00
N LYS D 59 0.72 -11.72 6.28
CA LYS D 59 1.25 -11.14 7.52
C LYS D 59 1.17 -9.62 7.54
N GLY D 60 0.84 -9.08 8.70
CA GLY D 60 0.76 -7.63 8.90
C GLY D 60 2.01 -7.08 9.54
N ASP D 61 1.84 -6.27 10.58
CA ASP D 61 2.96 -5.65 11.30
C ASP D 61 3.17 -6.26 12.68
N LEU D 62 2.10 -6.80 13.26
CA LEU D 62 2.17 -7.51 14.54
C LEU D 62 1.94 -9.02 14.35
N SER D 63 2.44 -9.55 13.23
CA SER D 63 2.25 -10.96 12.88
C SER D 63 3.00 -11.94 13.78
N GLU D 64 4.06 -11.46 14.42
CA GLU D 64 4.78 -12.27 15.38
C GLU D 64 3.90 -12.52 16.60
N GLY D 65 3.96 -13.72 17.14
CA GLY D 65 3.21 -14.08 18.34
C GLY D 65 1.83 -14.66 18.02
N TYR D 66 1.36 -14.41 16.80
CA TYR D 66 0.05 -14.86 16.37
C TYR D 66 0.14 -15.64 15.06
N ASP D 67 -0.86 -16.48 14.82
CA ASP D 67 -1.15 -17.01 13.50
C ASP D 67 -2.63 -16.79 13.24
N ALA D 68 -3.06 -16.98 11.99
CA ALA D 68 -4.46 -16.81 11.62
C ALA D 68 -4.82 -17.74 10.48
N SER D 69 -6.12 -18.07 10.37
CA SER D 69 -6.59 -18.91 9.28
C SER D 69 -7.98 -18.48 8.79
N ARG D 70 -8.16 -18.57 7.47
CA ARG D 70 -9.41 -18.28 6.82
C ARG D 70 -9.96 -19.59 6.26
N GLU D 71 -10.99 -20.11 6.92
CA GLU D 71 -11.78 -21.27 6.47
C GLU D 71 -12.76 -21.07 5.29
N LYS D 72 -13.48 -19.96 5.32
CA LYS D 72 -14.50 -19.59 4.33
C LYS D 72 -14.36 -18.13 3.94
N LYS D 73 -15.25 -17.69 3.04
CA LYS D 73 -15.38 -16.28 2.68
C LYS D 73 -15.92 -15.50 3.89
N SER D 74 -16.89 -16.11 4.57
CA SER D 74 -17.51 -15.52 5.76
C SER D 74 -16.57 -15.54 6.96
N SER D 75 -16.07 -16.73 7.29
CA SER D 75 -15.27 -16.95 8.49
C SER D 75 -13.82 -16.49 8.35
N PHE D 76 -13.27 -15.96 9.44
CA PHE D 76 -11.85 -15.60 9.53
C PHE D 76 -11.40 -15.66 10.99
N SER D 77 -10.51 -16.61 11.28
CA SER D 77 -10.09 -16.87 12.65
C SER D 77 -8.67 -16.39 12.95
N LEU D 78 -8.49 -15.76 14.10
CA LEU D 78 -7.18 -15.36 14.60
C LEU D 78 -6.78 -16.25 15.77
N THR D 79 -5.50 -16.63 15.80
CA THR D 79 -4.98 -17.46 16.89
C THR D 79 -3.88 -16.72 17.67
N VAL D 80 -3.93 -16.85 19.00
CA VAL D 80 -2.88 -16.37 19.87
C VAL D 80 -2.11 -17.59 20.37
N THR D 81 -0.84 -17.69 19.94
CA THR D 81 -0.01 -18.87 20.23
C THR D 81 0.24 -19.04 21.72
N SER D 82 0.77 -18.00 22.35
CA SER D 82 1.05 -18.00 23.78
C SER D 82 0.70 -16.64 24.36
N ALA D 83 -0.22 -16.64 25.31
CA ALA D 83 -0.68 -15.40 25.93
C ALA D 83 0.35 -14.88 26.95
N GLN D 84 0.78 -13.64 26.76
CA GLN D 84 1.61 -12.96 27.75
C GLN D 84 0.86 -12.88 29.07
N LYS D 85 1.57 -13.16 30.16
CA LYS D 85 0.95 -13.34 31.48
C LYS D 85 -0.04 -12.26 31.89
N ASN D 86 0.34 -11.00 31.72
CA ASN D 86 -0.47 -9.87 32.16
C ASN D 86 -1.25 -9.20 31.03
N GLU D 87 -1.15 -9.79 29.83
CA GLU D 87 -1.74 -9.24 28.61
C GLU D 87 -3.22 -8.89 28.75
N MET D 88 -3.51 -7.60 28.64
CA MET D 88 -4.87 -7.10 28.51
C MET D 88 -4.93 -6.30 27.21
N ALA D 89 -5.68 -6.79 26.24
CA ALA D 89 -5.74 -6.16 24.92
C ALA D 89 -7.09 -6.32 24.24
N VAL D 90 -7.38 -5.41 23.31
CA VAL D 90 -8.59 -5.46 22.50
C VAL D 90 -8.23 -5.86 21.07
N PHE D 91 -8.93 -6.87 20.55
CA PHE D 91 -8.74 -7.30 19.17
C PHE D 91 -9.95 -6.93 18.32
N LEU D 92 -9.69 -6.39 17.13
CA LEU D 92 -10.75 -5.91 16.25
C LEU D 92 -10.70 -6.56 14.87
N CYS D 93 -11.85 -7.06 14.42
CA CYS D 93 -11.99 -7.68 13.11
C CYS D 93 -12.69 -6.72 12.15
N ALA D 94 -12.11 -6.56 10.96
CA ALA D 94 -12.68 -5.70 9.94
C ALA D 94 -12.74 -6.41 8.59
N SER D 95 -13.83 -6.20 7.87
CA SER D 95 -13.98 -6.73 6.51
C SER D 95 -14.09 -5.60 5.50
N GLY D 96 -13.53 -5.82 4.31
CA GLY D 96 -13.50 -4.80 3.27
C GLY D 96 -13.79 -5.33 1.88
N SER D 97 -14.27 -4.45 1.00
CA SER D 97 -14.59 -4.80 -0.38
C SER D 97 -13.35 -4.73 -1.27
N LEU D 98 -13.32 -5.56 -2.30
CA LEU D 98 -12.20 -5.64 -3.23
C LEU D 98 -12.35 -4.65 -4.39
N LEU D 99 -13.59 -4.20 -4.61
CA LEU D 99 -13.89 -3.26 -5.69
C LEU D 99 -14.24 -1.87 -5.14
N ASP D 100 -14.07 -1.70 -3.84
CA ASP D 100 -14.31 -0.42 -3.16
C ASP D 100 -13.49 -0.36 -1.87
N VAL D 101 -12.39 0.38 -1.92
CA VAL D 101 -11.49 0.53 -0.78
C VAL D 101 -12.14 1.28 0.39
N ARG D 102 -13.06 2.18 0.07
CA ARG D 102 -13.75 3.01 1.07
C ARG D 102 -14.72 2.22 1.93
N GLU D 103 -15.34 1.20 1.34
CA GLU D 103 -16.29 0.35 2.06
C GLU D 103 -15.56 -0.60 3.00
N VAL D 104 -15.49 -0.21 4.28
CA VAL D 104 -14.85 -1.01 5.31
C VAL D 104 -15.74 -0.99 6.56
N PHE D 105 -16.02 -2.17 7.10
CA PHE D 105 -16.82 -2.28 8.32
C PHE D 105 -16.07 -3.01 9.43
N PHE D 106 -16.28 -2.54 10.67
CA PHE D 106 -15.59 -3.09 11.84
C PHE D 106 -16.54 -3.82 12.78
N GLY D 107 -16.03 -4.86 13.43
CA GLY D 107 -16.77 -5.59 14.45
C GLY D 107 -16.78 -4.85 15.78
N LYS D 108 -17.48 -5.39 16.76
CA LYS D 108 -17.62 -4.75 18.07
C LYS D 108 -16.41 -4.91 18.98
N GLY D 109 -15.50 -5.81 18.62
CA GLY D 109 -14.25 -5.99 19.36
C GLY D 109 -14.23 -7.16 20.32
N THR D 110 -13.03 -7.51 20.78
CA THR D 110 -12.85 -8.59 21.75
C THR D 110 -11.85 -8.18 22.83
N ARG D 111 -12.32 -8.14 24.07
CA ARG D 111 -11.48 -7.76 25.20
C ARG D 111 -10.92 -9.01 25.87
N LEU D 112 -9.61 -9.02 26.03
CA LEU D 112 -8.89 -10.17 26.59
C LEU D 112 -8.25 -9.84 27.94
N THR D 113 -8.35 -10.79 28.87
CA THR D 113 -7.63 -10.70 30.14
C THR D 113 -6.97 -12.05 30.44
N VAL D 114 -5.65 -12.03 30.51
CA VAL D 114 -4.88 -13.22 30.83
C VAL D 114 -4.69 -13.29 32.35
N VAL D 115 -5.25 -14.32 32.97
CA VAL D 115 -5.30 -14.43 34.43
C VAL D 115 -4.44 -15.57 34.97
N GLU D 116 -3.77 -15.32 36.09
CA GLU D 116 -2.97 -16.32 36.78
C GLU D 116 -3.26 -16.27 38.29
N ASP D 117 -3.99 -17.26 38.80
CA ASP D 117 -4.47 -18.39 38.01
C ASP D 117 -5.99 -18.41 37.85
N LEU D 118 -6.51 -19.56 37.43
CA LEU D 118 -7.94 -19.81 37.26
C LEU D 118 -8.70 -19.65 38.57
N LYS D 119 -7.96 -19.73 39.68
CA LYS D 119 -8.49 -19.59 41.03
C LYS D 119 -9.08 -18.19 41.28
N ASN D 120 -8.47 -17.18 40.65
CA ASN D 120 -8.81 -15.77 40.88
C ASN D 120 -10.19 -15.33 40.38
N VAL D 121 -10.67 -15.98 39.32
CA VAL D 121 -11.93 -15.63 38.68
C VAL D 121 -13.14 -15.98 39.56
N PHE D 122 -13.92 -14.95 39.90
CA PHE D 122 -15.19 -15.12 40.63
C PHE D 122 -16.24 -14.06 40.24
N PRO D 123 -17.53 -14.44 40.23
CA PRO D 123 -18.64 -13.60 39.77
C PRO D 123 -19.00 -12.42 40.71
N PRO D 124 -19.84 -11.47 40.23
CA PRO D 124 -20.27 -10.34 41.05
C PRO D 124 -21.48 -10.63 41.93
N GLU D 125 -21.62 -9.86 43.01
CA GLU D 125 -22.82 -9.89 43.85
C GLU D 125 -23.56 -8.57 43.76
N VAL D 126 -24.87 -8.65 43.48
CA VAL D 126 -25.67 -7.49 43.12
C VAL D 126 -26.75 -7.17 44.15
N ALA D 127 -26.72 -5.96 44.67
CA ALA D 127 -27.73 -5.47 45.61
C ALA D 127 -28.17 -4.04 45.24
N VAL D 128 -29.47 -3.88 45.04
CA VAL D 128 -30.04 -2.59 44.67
C VAL D 128 -30.58 -1.85 45.91
N PHE D 129 -30.25 -0.57 46.03
CA PHE D 129 -30.71 0.26 47.14
C PHE D 129 -31.98 1.02 46.76
N GLU D 130 -32.89 1.16 47.72
CA GLU D 130 -34.15 1.87 47.51
C GLU D 130 -33.99 3.38 47.76
N PRO D 131 -34.86 4.21 47.12
CA PRO D 131 -34.73 5.68 47.18
C PRO D 131 -34.86 6.25 48.58
N SER D 132 -34.16 7.36 48.83
CA SER D 132 -34.20 8.05 50.11
C SER D 132 -35.48 8.87 50.25
N GLU D 133 -36.08 8.82 51.43
CA GLU D 133 -37.29 9.60 51.74
C GLU D 133 -36.97 11.08 51.89
N ALA D 134 -35.72 11.37 52.23
CA ALA D 134 -35.22 12.74 52.31
C ALA D 134 -35.14 13.39 50.92
N GLU D 135 -34.96 12.56 49.90
CA GLU D 135 -34.91 13.01 48.51
C GLU D 135 -36.30 13.31 47.96
N ILE D 136 -37.30 12.57 48.44
CA ILE D 136 -38.68 12.66 47.95
C ILE D 136 -39.26 14.08 48.05
N SER D 137 -39.25 14.65 49.25
CA SER D 137 -39.79 16.00 49.48
C SER D 137 -38.81 17.10 49.05
N HIS D 138 -37.52 16.76 49.02
CA HIS D 138 -36.46 17.71 48.70
C HIS D 138 -36.42 18.04 47.23
N THR D 139 -36.58 17.01 46.38
CA THR D 139 -36.39 17.16 44.94
C THR D 139 -37.58 16.72 44.09
N GLN D 140 -38.41 15.84 44.64
CA GLN D 140 -39.52 15.18 43.90
C GLN D 140 -38.98 14.16 42.89
N LYS D 141 -37.84 13.57 43.22
CA LYS D 141 -37.20 12.54 42.40
C LYS D 141 -36.79 11.34 43.26
N ALA D 142 -36.52 10.21 42.61
CA ALA D 142 -36.11 8.98 43.30
C ALA D 142 -34.93 8.33 42.60
N THR D 143 -33.82 8.21 43.32
CA THR D 143 -32.59 7.67 42.74
C THR D 143 -32.25 6.29 43.30
N LEU D 144 -32.35 5.27 42.45
CA LEU D 144 -31.96 3.90 42.78
C LEU D 144 -30.48 3.70 42.50
N VAL D 145 -29.82 2.83 43.26
CA VAL D 145 -28.39 2.56 43.11
C VAL D 145 -28.11 1.06 43.05
N CYS D 146 -27.52 0.61 41.95
CA CYS D 146 -27.10 -0.77 41.78
C CYS D 146 -25.62 -0.91 42.11
N LEU D 147 -25.24 -2.05 42.69
CA LEU D 147 -23.86 -2.31 43.07
C LEU D 147 -23.35 -3.68 42.63
N ALA D 148 -22.09 -3.71 42.21
CA ALA D 148 -21.41 -4.94 41.85
C ALA D 148 -20.02 -4.96 42.45
N THR D 149 -19.76 -5.98 43.26
CA THR D 149 -18.48 -6.11 43.98
C THR D 149 -17.97 -7.55 43.95
N GLY D 150 -16.65 -7.70 43.99
CA GLY D 150 -16.00 -9.00 44.11
C GLY D 150 -15.91 -9.81 42.82
N PHE D 151 -16.10 -9.15 41.68
CA PHE D 151 -16.03 -9.83 40.39
C PHE D 151 -14.65 -9.73 39.74
N TYR D 152 -14.20 -10.86 39.21
CA TYR D 152 -12.99 -10.93 38.40
C TYR D 152 -13.26 -11.87 37.21
N PRO D 153 -12.84 -11.45 36.00
CA PRO D 153 -12.17 -10.19 35.69
C PRO D 153 -13.13 -9.04 35.37
N ASP D 154 -12.63 -8.05 34.63
CA ASP D 154 -13.35 -6.82 34.28
C ASP D 154 -14.63 -7.05 33.46
N HIS D 155 -14.77 -8.26 32.91
CA HIS D 155 -15.80 -8.56 31.90
C HIS D 155 -17.21 -8.60 32.44
N VAL D 156 -17.86 -7.44 32.49
CA VAL D 156 -19.26 -7.33 32.93
C VAL D 156 -20.09 -6.33 32.11
N GLU D 157 -21.42 -6.52 32.14
CA GLU D 157 -22.37 -5.63 31.48
C GLU D 157 -23.57 -5.37 32.39
N LEU D 158 -23.72 -4.11 32.82
CA LEU D 158 -24.82 -3.72 33.72
C LEU D 158 -25.96 -3.05 32.96
N SER D 159 -27.20 -3.39 33.35
CA SER D 159 -28.40 -2.79 32.75
C SER D 159 -29.55 -2.72 33.74
N TRP D 160 -30.36 -1.66 33.62
CA TRP D 160 -31.55 -1.48 34.47
C TRP D 160 -32.79 -1.89 33.74
N TRP D 161 -33.71 -2.51 34.48
CA TRP D 161 -34.94 -3.05 33.91
C TRP D 161 -36.15 -2.62 34.68
N VAL D 162 -37.10 -2.00 33.98
CA VAL D 162 -38.36 -1.57 34.58
C VAL D 162 -39.53 -2.30 33.89
N ASN D 163 -40.34 -2.99 34.69
CA ASN D 163 -41.47 -3.78 34.21
C ASN D 163 -41.09 -4.88 33.21
N GLY D 164 -39.88 -5.42 33.38
CA GLY D 164 -39.36 -6.46 32.47
C GLY D 164 -38.78 -5.90 31.19
N LYS D 165 -38.68 -4.57 31.11
CA LYS D 165 -38.14 -3.88 29.94
C LYS D 165 -36.91 -3.07 30.30
N GLU D 166 -35.88 -3.15 29.45
CA GLU D 166 -34.64 -2.42 29.65
C GLU D 166 -34.83 -0.92 29.44
N VAL D 167 -34.23 -0.13 30.33
CA VAL D 167 -34.31 1.34 30.25
C VAL D 167 -32.94 2.00 30.15
N HIS D 168 -32.90 3.16 29.50
CA HIS D 168 -31.68 3.96 29.39
C HIS D 168 -31.89 5.35 29.93
N SER D 169 -33.16 5.73 30.05
CA SER D 169 -33.55 7.05 30.55
C SER D 169 -33.24 7.21 32.04
N GLY D 170 -32.41 8.21 32.35
CA GLY D 170 -32.01 8.50 33.73
C GLY D 170 -31.10 7.45 34.33
N VAL D 171 -30.31 6.81 33.47
CA VAL D 171 -29.39 5.75 33.89
C VAL D 171 -27.94 6.24 33.78
N CYS D 172 -27.13 5.90 34.78
CA CYS D 172 -25.70 6.20 34.74
C CYS D 172 -24.85 5.07 35.32
N THR D 173 -23.93 4.58 34.49
CA THR D 173 -22.94 3.59 34.93
C THR D 173 -21.55 4.21 34.83
N ASP D 174 -20.69 3.89 35.79
CA ASP D 174 -19.31 4.36 35.79
C ASP D 174 -18.54 3.85 34.58
N PRO D 175 -17.69 4.70 33.98
CA PRO D 175 -16.83 4.23 32.89
C PRO D 175 -15.68 3.36 33.41
N GLN D 176 -15.38 3.47 34.70
CA GLN D 176 -14.27 2.74 35.31
C GLN D 176 -14.70 1.89 36.50
N PRO D 177 -14.27 0.61 36.52
CA PRO D 177 -14.45 -0.25 37.68
C PRO D 177 -13.33 -0.06 38.71
N LEU D 178 -13.70 -0.01 39.99
CA LEU D 178 -12.74 0.16 41.08
C LEU D 178 -12.07 -1.15 41.43
N LYS D 179 -10.82 -1.08 41.88
CA LYS D 179 -10.10 -2.25 42.37
C LYS D 179 -10.35 -2.43 43.86
N GLU D 180 -10.58 -3.68 44.27
CA GLU D 180 -10.77 -4.00 45.69
C GLU D 180 -9.42 -4.08 46.43
N GLN D 181 -8.35 -4.31 45.67
CA GLN D 181 -6.99 -4.16 46.14
C GLN D 181 -6.14 -3.51 45.03
N PRO D 182 -5.77 -2.23 45.22
CA PRO D 182 -5.07 -1.43 44.20
C PRO D 182 -3.74 -2.03 43.74
N ALA D 183 -2.87 -2.38 44.68
CA ALA D 183 -1.56 -2.92 44.37
C ALA D 183 -1.55 -4.45 44.33
N LEU D 184 -1.92 -4.99 43.16
CA LEU D 184 -1.91 -6.43 42.91
C LEU D 184 -1.79 -6.74 41.42
N ASN D 185 -1.28 -7.93 41.12
CA ASN D 185 -1.24 -8.42 39.74
C ASN D 185 -2.65 -8.76 39.26
N ASP D 186 -3.42 -9.42 40.13
CA ASP D 186 -4.82 -9.75 39.85
C ASP D 186 -5.65 -9.43 41.09
N SER D 187 -6.65 -8.56 40.91
CA SER D 187 -7.49 -8.11 42.02
C SER D 187 -8.94 -7.90 41.61
N ARG D 188 -9.85 -8.33 42.49
CA ARG D 188 -11.30 -8.20 42.28
C ARG D 188 -11.73 -6.76 41.99
N TYR D 189 -12.81 -6.62 41.21
CA TYR D 189 -13.30 -5.30 40.82
C TYR D 189 -14.63 -4.91 41.48
N ALA D 190 -14.86 -3.60 41.55
CA ALA D 190 -16.09 -3.04 42.11
C ALA D 190 -16.62 -1.93 41.20
N LEU D 191 -17.94 -1.90 40.98
CA LEU D 191 -18.54 -0.96 40.04
C LEU D 191 -19.96 -0.58 40.44
N SER D 192 -20.31 0.69 40.22
CA SER D 192 -21.63 1.23 40.59
C SER D 192 -22.40 1.81 39.42
N SER D 193 -23.73 1.79 39.54
CA SER D 193 -24.63 2.39 38.56
C SER D 193 -25.89 2.93 39.22
N ARG D 194 -26.32 4.11 38.77
CA ARG D 194 -27.49 4.78 39.33
C ARG D 194 -28.63 4.87 38.32
N LEU D 195 -29.85 4.66 38.80
CA LEU D 195 -31.05 4.97 38.03
C LEU D 195 -31.85 6.01 38.78
N ARG D 196 -32.20 7.10 38.09
CA ARG D 196 -33.00 8.15 38.69
C ARG D 196 -34.33 8.34 37.96
N VAL D 197 -35.42 8.09 38.69
CA VAL D 197 -36.77 8.26 38.17
C VAL D 197 -37.50 9.29 39.05
N SER D 198 -38.67 9.75 38.61
CA SER D 198 -39.49 10.66 39.40
C SER D 198 -40.02 9.98 40.66
N ALA D 199 -40.23 10.77 41.72
CA ALA D 199 -40.71 10.26 43.00
C ALA D 199 -42.10 9.62 42.89
N THR D 200 -42.95 10.21 42.05
CA THR D 200 -44.32 9.74 41.84
C THR D 200 -44.36 8.33 41.23
N PHE D 201 -43.40 8.06 40.34
CA PHE D 201 -43.28 6.76 39.68
C PHE D 201 -42.92 5.65 40.67
N TRP D 202 -42.17 6.02 41.70
CA TRP D 202 -41.79 5.09 42.76
C TRP D 202 -42.89 4.86 43.76
N GLN D 203 -43.74 5.84 44.01
CA GLN D 203 -44.50 5.87 45.25
C GLN D 203 -45.29 4.57 45.44
N ASN D 204 -45.85 4.02 44.37
CA ASN D 204 -46.46 2.69 44.42
C ASN D 204 -45.48 1.62 43.92
N PRO D 205 -45.07 0.69 44.82
CA PRO D 205 -44.20 -0.42 44.43
C PRO D 205 -44.90 -1.43 43.50
N ARG D 206 -45.97 -1.00 42.85
CA ARG D 206 -46.60 -1.76 41.78
C ARG D 206 -45.64 -1.89 40.60
N ASN D 207 -44.95 -0.78 40.30
CA ASN D 207 -43.87 -0.78 39.32
C ASN D 207 -42.70 -1.61 39.81
N HIS D 208 -42.15 -2.45 38.93
CA HIS D 208 -41.06 -3.35 39.29
C HIS D 208 -39.74 -2.85 38.79
N PHE D 209 -38.78 -2.75 39.70
CA PHE D 209 -37.45 -2.23 39.39
C PHE D 209 -36.39 -3.33 39.53
N ARG D 210 -35.62 -3.54 38.47
CA ARG D 210 -34.55 -4.54 38.46
C ARG D 210 -33.25 -3.97 37.89
N CYS D 211 -32.14 -4.27 38.56
CA CYS D 211 -30.83 -4.01 37.98
C CYS D 211 -30.09 -5.34 37.75
N GLN D 212 -29.65 -5.52 36.51
CA GLN D 212 -29.14 -6.81 36.03
C GLN D 212 -27.69 -6.69 35.56
N VAL D 213 -26.85 -7.62 36.00
CA VAL D 213 -25.45 -7.66 35.60
C VAL D 213 -25.12 -8.95 34.84
N GLN D 214 -24.74 -8.81 33.58
CA GLN D 214 -24.28 -9.93 32.77
C GLN D 214 -22.79 -10.15 32.99
N PHE D 215 -22.45 -11.32 33.53
CA PHE D 215 -21.07 -11.68 33.79
C PHE D 215 -20.56 -12.68 32.75
N TYR D 216 -19.31 -12.50 32.33
CA TYR D 216 -18.69 -13.39 31.35
C TYR D 216 -17.56 -14.19 31.98
N GLY D 217 -17.85 -15.45 32.29
CA GLY D 217 -16.92 -16.33 32.98
C GLY D 217 -16.33 -17.43 32.12
N LEU D 218 -16.48 -18.66 32.58
CA LEU D 218 -15.86 -19.82 31.95
C LEU D 218 -16.83 -20.63 31.08
N SER D 219 -16.28 -21.56 30.32
CA SER D 219 -17.07 -22.47 29.49
C SER D 219 -17.53 -23.68 30.31
N GLU D 220 -17.94 -24.74 29.61
CA GLU D 220 -18.35 -25.99 30.27
C GLU D 220 -17.36 -27.12 29.98
N ASN D 221 -16.57 -26.95 28.92
CA ASN D 221 -15.53 -27.92 28.56
C ASN D 221 -14.24 -27.74 29.37
N ASP D 222 -13.97 -26.51 29.80
CA ASP D 222 -12.83 -26.24 30.67
C ASP D 222 -13.12 -26.62 32.12
N GLU D 223 -12.98 -27.91 32.40
CA GLU D 223 -13.29 -28.49 33.72
C GLU D 223 -12.36 -27.94 34.80
N TRP D 224 -12.93 -27.18 35.73
CA TRP D 224 -12.15 -26.51 36.76
C TRP D 224 -12.04 -27.32 38.02
N THR D 225 -10.98 -27.07 38.79
CA THR D 225 -10.57 -27.94 39.90
C THR D 225 -11.22 -27.64 41.26
N GLN D 226 -11.47 -26.37 41.54
CA GLN D 226 -11.79 -25.92 42.91
C GLN D 226 -13.18 -26.31 43.43
N ASP D 227 -13.37 -26.10 44.74
CA ASP D 227 -14.55 -26.61 45.46
C ASP D 227 -15.85 -25.88 45.16
N ARG D 228 -15.95 -24.63 45.62
CA ARG D 228 -17.21 -23.86 45.57
C ARG D 228 -17.71 -23.60 44.16
N ALA D 229 -18.94 -23.11 44.05
CA ALA D 229 -19.63 -22.90 42.77
C ALA D 229 -18.73 -22.30 41.68
N LYS D 230 -18.78 -22.90 40.50
CA LYS D 230 -17.97 -22.48 39.35
C LYS D 230 -18.39 -21.10 38.85
N PRO D 231 -17.42 -20.22 38.56
CA PRO D 231 -17.71 -18.91 37.97
C PRO D 231 -18.07 -19.01 36.48
N VAL D 232 -19.28 -19.49 36.22
CA VAL D 232 -19.79 -19.63 34.85
C VAL D 232 -20.25 -18.28 34.31
N THR D 233 -20.41 -18.19 33.00
CA THR D 233 -20.99 -17.02 32.35
C THR D 233 -22.46 -16.90 32.75
N GLN D 234 -22.73 -16.03 33.72
CA GLN D 234 -24.03 -15.97 34.38
C GLN D 234 -24.61 -14.55 34.49
N ILE D 235 -25.84 -14.47 34.98
CA ILE D 235 -26.54 -13.19 35.19
C ILE D 235 -26.95 -13.05 36.66
N VAL D 236 -26.55 -11.93 37.28
CA VAL D 236 -26.90 -11.63 38.67
C VAL D 236 -27.85 -10.42 38.71
N SER D 237 -28.87 -10.50 39.57
CA SER D 237 -29.90 -9.47 39.64
C SER D 237 -30.29 -9.05 41.06
N ALA D 238 -31.05 -7.97 41.17
CA ALA D 238 -31.58 -7.46 42.43
C ALA D 238 -32.88 -6.68 42.19
N GLU D 239 -33.83 -6.78 43.12
CA GLU D 239 -35.18 -6.24 42.92
C GLU D 239 -35.59 -5.20 43.96
N ALA D 240 -36.59 -4.38 43.60
CA ALA D 240 -37.14 -3.37 44.49
C ALA D 240 -38.67 -3.35 44.45
#